data_9NV3
#
_entry.id   9NV3
#
_cell.length_a   1.00
_cell.length_b   1.00
_cell.length_c   1.00
_cell.angle_alpha   90.00
_cell.angle_beta   90.00
_cell.angle_gamma   90.00
#
_symmetry.space_group_name_H-M   'P 1'
#
loop_
_entity.id
_entity.type
_entity.pdbx_description
1 polymer 'DUF1788 domain-containing protein'
2 polymer 'PglZ domain-containing protein'
#
loop_
_entity_poly.entity_id
_entity_poly.type
_entity_poly.pdbx_seq_one_letter_code
_entity_poly.pdbx_strand_id
1 'polypeptide(L)'
;IDPVLEYRLSQVQSRISEERFLKNNGSGNEIGFWIFDYPAQNELQVREHLKYLLRNLEKDHKFAHLNIFQIIVDMLTERG
LFDRVCQQEVKVGTEALKKQLVGLLNQKKIADYIAKKVDLQNQEFVILTGMGNAWPLVRGHELMSALQDVMGFTPLLMFY
PGTYSGHDLSPLAGIDSRNYYRAFRLVPESGPAATLNPR
;
A
2 'polypeptide(L)'
;MTLQNQEFIAGLKAKFAEHRIVFWHDPDKRFLEELDNLELENVTLLDMTDQSQLAVKKRIEIDEPEQQFLLWFPHDAPPK
EFDWLLDIRLYSTEFHADFAAITLNTLGIPQLGLREHIQRRKAFFSTKRLSALKGLVTEQENEASLDKKMVAVIAGVKTA
KTEEILFSLITQYVNQQKDDDSDLENTLAMLKRHDLEGVLWDILNQEMGYQAEHPTLENLILKLFCTDLSAQADPQKREW
LEKNVLATPSGRASALAFMVTWRADRRYKEAYDYCAQQMQDALRPEDQYRLSSPYDLHECETTLSIEQTIIHALVTQLLE
ESTTLDREAFKKLLSERQSKYWCQTRQEYCAIYDALRQAERLLNLRNRHIDGFHYQDSATFWKAYCEELFRFDQAYRLFN
EYALLVHSKGAMILKSLDDYIEALYSNWYLAELSRSWNKVLETENRMQEWRIAGVPRQQNFYNEVVKPQFNNPQIKRVFV
IISDALRYEVAEELGNQINTEKRFTAELRSQLGVLPSYTQLGMAALLPHDEICYQPGSGDIVYADGLSTSGTPNRDTILK
KYKGMAVKSDDLLKWKNQQGRDLIRDYEVVYIWHNTIDAMGDSASTEEKTFEACRNAVVELKDLVTRVINRLHGTRIIVT
ADHGFLFQQQPLSGQDKTTLQIKPDNTIKNHKRFIIGHQLPADDFCWKGKVADTAGVSDNSEFLIPKGIQRFHFSGGARF
VHGGAMLQEVCVPVLQVKALQKTAAEKQPQRRPVDIVKHHPLIKLVNNIDKVSLLQTHPVGELYEPRTLNIFIVDNANNV
VSGKERICFDSDNNTMEKRVRDVTLKLIGANFNRRNEYWLILEDAQTETGYQKYPVIIDLAFQDDFFKETAAAKFERQHM
DSSTSAA
;
C
#
# COMPACT_ATOMS: atom_id res chain seq x y z
N ILE A 1 34.09 -13.20 -49.67
CA ILE A 1 32.79 -13.71 -50.12
C ILE A 1 31.91 -14.07 -48.91
N ASP A 2 30.62 -13.73 -48.94
CA ASP A 2 29.59 -14.40 -48.12
C ASP A 2 29.06 -15.65 -48.87
N PRO A 3 29.37 -16.88 -48.40
CA PRO A 3 28.99 -18.10 -49.09
C PRO A 3 27.50 -18.42 -49.01
N VAL A 4 26.77 -17.87 -48.03
CA VAL A 4 25.32 -18.08 -47.89
C VAL A 4 24.57 -17.29 -48.96
N LEU A 5 24.89 -16.01 -49.14
CA LEU A 5 24.30 -15.23 -50.21
C LEU A 5 24.80 -15.67 -51.59
N GLU A 6 26.08 -16.07 -51.73
CA GLU A 6 26.59 -16.65 -52.98
C GLU A 6 25.87 -17.95 -53.35
N TYR A 7 25.62 -18.83 -52.38
CA TYR A 7 24.76 -19.99 -52.59
C TYR A 7 23.35 -19.55 -53.01
N ARG A 8 22.66 -18.68 -52.25
CA ARG A 8 21.29 -18.26 -52.60
C ARG A 8 21.25 -17.62 -53.99
N LEU A 9 22.23 -16.79 -54.34
CA LEU A 9 22.41 -16.24 -55.68
C LEU A 9 22.65 -17.33 -56.74
N SER A 10 23.47 -18.35 -56.47
CA SER A 10 23.62 -19.48 -57.39
C SER A 10 22.30 -20.24 -57.58
N GLN A 11 21.45 -20.26 -56.56
CA GLN A 11 20.12 -20.84 -56.66
C GLN A 11 19.15 -20.02 -57.51
N VAL A 12 19.51 -18.80 -57.94
CA VAL A 12 18.77 -18.13 -59.01
C VAL A 12 18.86 -18.98 -60.29
N GLN A 13 20.08 -19.34 -60.71
CA GLN A 13 20.29 -20.23 -61.86
C GLN A 13 19.78 -21.65 -61.60
N SER A 14 19.88 -22.18 -60.37
CA SER A 14 19.29 -23.50 -60.08
C SER A 14 17.77 -23.49 -60.18
N ARG A 15 17.04 -22.54 -59.54
CA ARG A 15 15.58 -22.48 -59.64
C ARG A 15 15.12 -22.26 -61.08
N ILE A 16 15.80 -21.38 -61.82
CA ILE A 16 15.51 -21.11 -63.24
C ILE A 16 15.56 -22.38 -64.11
N SER A 17 16.53 -23.27 -63.93
CA SER A 17 16.61 -24.54 -64.68
C SER A 17 15.86 -25.72 -64.01
N GLU A 18 15.52 -25.63 -62.72
CA GLU A 18 14.52 -26.50 -62.10
C GLU A 18 13.10 -26.23 -62.63
N GLU A 19 12.17 -27.16 -62.44
CA GLU A 19 10.85 -27.10 -63.09
C GLU A 19 9.98 -25.93 -62.61
N ARG A 20 9.94 -25.66 -61.30
CA ARG A 20 8.93 -24.76 -60.70
C ARG A 20 8.96 -23.35 -61.26
N PHE A 21 10.13 -22.84 -61.64
CA PHE A 21 10.30 -21.43 -61.97
C PHE A 21 9.59 -21.06 -63.26
N LEU A 22 9.95 -21.69 -64.38
CA LEU A 22 9.38 -21.38 -65.69
C LEU A 22 8.02 -22.05 -65.95
N LYS A 23 7.69 -23.13 -65.24
CA LYS A 23 6.34 -23.72 -65.24
C LYS A 23 5.37 -23.03 -64.27
N ASN A 24 5.87 -22.12 -63.42
CA ASN A 24 5.12 -21.38 -62.41
C ASN A 24 4.44 -22.28 -61.35
N ASN A 25 5.02 -23.44 -61.04
CA ASN A 25 4.38 -24.51 -60.25
C ASN A 25 4.30 -24.25 -58.73
N GLY A 26 3.81 -23.09 -58.31
CA GLY A 26 3.12 -22.97 -57.02
C GLY A 26 1.78 -23.68 -57.14
N SER A 27 0.94 -23.19 -58.05
CA SER A 27 -0.23 -23.89 -58.60
C SER A 27 -0.16 -24.10 -60.12
N GLY A 28 0.88 -23.58 -60.80
CA GLY A 28 1.10 -23.73 -62.25
C GLY A 28 0.25 -22.76 -63.09
N ASN A 29 -1.05 -22.70 -62.81
CA ASN A 29 -2.00 -21.72 -63.39
C ASN A 29 -1.86 -20.35 -62.69
N GLU A 30 -0.63 -19.85 -62.62
CA GLU A 30 -0.24 -18.65 -61.89
C GLU A 30 0.85 -17.89 -62.65
N ILE A 31 1.00 -16.59 -62.40
CA ILE A 31 2.18 -15.86 -62.81
C ILE A 31 3.34 -16.27 -61.89
N GLY A 32 4.42 -16.84 -62.44
CA GLY A 32 5.44 -17.57 -61.68
C GLY A 32 6.47 -16.70 -60.97
N PHE A 33 6.06 -15.64 -60.27
CA PHE A 33 6.99 -14.76 -59.55
C PHE A 33 7.73 -15.47 -58.39
N TRP A 34 8.80 -14.86 -57.88
CA TRP A 34 9.71 -15.39 -56.86
C TRP A 34 10.25 -14.31 -55.89
N ILE A 35 10.76 -14.71 -54.72
CA ILE A 35 11.22 -13.79 -53.66
C ILE A 35 12.69 -14.06 -53.27
N PHE A 36 13.45 -12.98 -53.06
CA PHE A 36 14.87 -12.98 -52.71
C PHE A 36 15.25 -11.79 -51.81
N ASP A 37 14.78 -11.79 -50.57
CA ASP A 37 15.36 -10.90 -49.56
C ASP A 37 16.83 -11.25 -49.34
N TYR A 38 17.69 -10.24 -49.19
CA TYR A 38 19.13 -10.44 -49.00
C TYR A 38 19.73 -9.39 -48.05
N PRO A 39 20.80 -9.72 -47.30
CA PRO A 39 21.43 -8.81 -46.35
C PRO A 39 21.73 -7.44 -46.97
N ALA A 40 21.18 -6.38 -46.38
CA ALA A 40 21.00 -5.09 -47.05
C ALA A 40 22.29 -4.42 -47.54
N GLN A 41 23.39 -4.57 -46.82
CA GLN A 41 24.71 -4.04 -47.19
C GLN A 41 25.44 -4.83 -48.29
N ASN A 42 25.00 -6.05 -48.64
CA ASN A 42 25.64 -6.90 -49.67
C ASN A 42 25.27 -6.49 -51.11
N GLU A 43 24.96 -5.21 -51.33
CA GLU A 43 24.67 -4.56 -52.62
C GLU A 43 25.60 -5.03 -53.75
N LEU A 44 26.90 -4.87 -53.54
CA LEU A 44 27.94 -5.18 -54.52
C LEU A 44 27.85 -6.63 -54.98
N GLN A 45 27.69 -7.55 -54.04
CA GLN A 45 27.63 -8.97 -54.30
C GLN A 45 26.46 -9.30 -55.22
N VAL A 46 25.27 -8.79 -54.95
CA VAL A 46 24.07 -9.05 -55.78
C VAL A 46 24.18 -8.34 -57.14
N ARG A 47 24.58 -7.06 -57.16
CA ARG A 47 24.79 -6.31 -58.41
C ARG A 47 25.77 -7.02 -59.33
N GLU A 48 26.95 -7.32 -58.81
CA GLU A 48 28.05 -7.91 -59.57
C GLU A 48 27.71 -9.34 -59.98
N HIS A 49 27.07 -10.12 -59.10
CA HIS A 49 26.59 -11.44 -59.46
C HIS A 49 25.59 -11.36 -60.62
N LEU A 50 24.69 -10.38 -60.65
CA LEU A 50 23.71 -10.29 -61.71
C LEU A 50 24.28 -9.72 -63.01
N LYS A 51 25.26 -8.81 -62.91
CA LYS A 51 26.12 -8.45 -64.05
C LYS A 51 26.87 -9.66 -64.61
N TYR A 52 27.33 -10.57 -63.77
CA TYR A 52 27.86 -11.87 -64.19
C TYR A 52 26.75 -12.78 -64.75
N LEU A 53 25.58 -12.81 -64.13
CA LEU A 53 24.50 -13.72 -64.50
C LEU A 53 23.94 -13.40 -65.88
N LEU A 54 23.90 -12.11 -66.26
CA LEU A 54 23.64 -11.66 -67.63
C LEU A 54 24.58 -12.30 -68.66
N ARG A 55 25.82 -12.60 -68.27
CA ARG A 55 26.82 -13.25 -69.12
C ARG A 55 26.73 -14.78 -69.05
N ASN A 56 26.41 -15.36 -67.89
CA ASN A 56 26.41 -16.81 -67.69
C ASN A 56 25.11 -17.50 -68.11
N LEU A 57 23.92 -16.96 -67.79
CA LEU A 57 22.68 -17.72 -67.93
C LEU A 57 22.25 -17.95 -69.40
N GLU A 58 22.80 -17.24 -70.38
CA GLU A 58 22.53 -17.50 -71.80
C GLU A 58 23.01 -18.88 -72.27
N LYS A 59 23.85 -19.55 -71.48
CA LYS A 59 24.17 -20.98 -71.64
C LYS A 59 22.93 -21.87 -71.54
N ASP A 60 21.89 -21.40 -70.83
CA ASP A 60 20.72 -22.17 -70.45
C ASP A 60 19.39 -21.57 -70.94
N HIS A 61 19.20 -20.25 -70.92
CA HIS A 61 17.89 -19.61 -71.07
C HIS A 61 17.92 -18.19 -71.70
N LYS A 62 16.75 -17.67 -72.11
CA LYS A 62 16.54 -16.40 -72.83
C LYS A 62 16.02 -15.27 -71.95
N PHE A 63 16.70 -14.12 -71.99
CA PHE A 63 16.39 -12.95 -71.15
C PHE A 63 17.00 -11.66 -71.70
N ALA A 64 16.74 -10.55 -71.01
CA ALA A 64 17.37 -9.25 -71.24
C ALA A 64 17.79 -8.57 -69.93
N HIS A 65 18.24 -7.31 -70.00
CA HIS A 65 18.86 -6.54 -68.90
C HIS A 65 17.99 -5.36 -68.43
N LEU A 66 17.99 -5.11 -67.11
CA LEU A 66 17.45 -3.90 -66.48
C LEU A 66 18.46 -3.31 -65.47
N ASN A 67 18.51 -1.99 -65.33
CA ASN A 67 19.20 -1.31 -64.23
C ASN A 67 18.18 -0.51 -63.40
N ILE A 68 18.11 -0.81 -62.10
CA ILE A 68 17.08 -0.32 -61.19
C ILE A 68 17.02 1.21 -61.14
N PHE A 69 18.15 1.86 -60.93
CA PHE A 69 18.17 3.32 -60.82
C PHE A 69 18.15 4.01 -62.18
N GLN A 70 18.71 3.35 -63.21
CA GLN A 70 18.63 3.84 -64.60
C GLN A 70 17.18 4.01 -65.06
N ILE A 71 16.30 3.04 -64.76
CA ILE A 71 14.87 3.12 -65.16
C ILE A 71 14.21 4.41 -64.63
N ILE A 72 14.60 4.86 -63.44
CA ILE A 72 14.08 6.08 -62.81
C ILE A 72 14.73 7.32 -63.43
N VAL A 73 16.05 7.31 -63.52
CA VAL A 73 16.88 8.33 -64.18
C VAL A 73 16.45 8.59 -65.62
N ASP A 74 15.99 7.57 -66.34
CA ASP A 74 15.50 7.66 -67.71
C ASP A 74 14.22 8.49 -67.85
N MET A 75 13.49 8.75 -66.76
CA MET A 75 12.23 9.52 -66.77
C MET A 75 12.19 10.70 -65.80
N LEU A 76 13.11 10.75 -64.83
CA LEU A 76 13.20 11.79 -63.81
C LEU A 76 14.61 12.36 -63.68
N THR A 77 14.67 13.57 -63.15
CA THR A 77 15.89 14.28 -62.75
C THR A 77 15.41 15.27 -61.71
N GLU A 78 15.55 14.87 -60.45
CA GLU A 78 14.75 15.27 -59.27
C GLU A 78 13.28 14.81 -59.26
N ARG A 79 12.45 15.29 -58.33
CA ARG A 79 11.04 14.86 -58.27
C ARG A 79 10.28 15.10 -59.58
N GLY A 80 10.76 16.01 -60.45
CA GLY A 80 10.58 15.99 -61.91
C GLY A 80 9.14 16.06 -62.40
N LEU A 81 8.40 14.95 -62.31
CA LEU A 81 6.94 14.94 -62.41
C LEU A 81 6.28 15.91 -61.40
N PHE A 82 6.89 16.16 -60.25
CA PHE A 82 6.56 17.30 -59.39
C PHE A 82 6.62 18.63 -60.15
N ASP A 83 7.77 18.93 -60.73
CA ASP A 83 8.01 20.18 -61.47
C ASP A 83 7.07 20.31 -62.67
N ARG A 84 6.72 19.20 -63.31
CA ARG A 84 5.82 19.11 -64.46
C ARG A 84 4.34 19.24 -64.05
N VAL A 85 3.90 18.59 -62.97
CA VAL A 85 2.49 18.63 -62.53
C VAL A 85 2.08 19.96 -61.90
N CYS A 86 3.03 20.87 -61.70
CA CYS A 86 2.74 22.29 -61.48
C CYS A 86 1.80 22.90 -62.55
N GLN A 87 1.71 22.29 -63.74
CA GLN A 87 0.77 22.67 -64.81
C GLN A 87 -0.73 22.49 -64.45
N GLN A 88 -1.07 21.75 -63.40
CA GLN A 88 -2.47 21.41 -63.06
C GLN A 88 -3.32 22.63 -62.66
N GLU A 89 -2.70 23.73 -62.23
CA GLU A 89 -3.35 24.84 -61.53
C GLU A 89 -4.54 25.47 -62.27
N VAL A 90 -4.36 25.82 -63.55
CA VAL A 90 -5.40 26.50 -64.35
C VAL A 90 -6.56 25.55 -64.72
N LYS A 91 -6.28 24.25 -64.78
CA LYS A 91 -7.17 23.23 -65.36
C LYS A 91 -8.39 22.93 -64.48
N VAL A 92 -8.16 22.76 -63.17
CA VAL A 92 -9.19 22.40 -62.18
C VAL A 92 -8.99 23.08 -60.81
N GLY A 93 -8.05 24.02 -60.69
CA GLY A 93 -7.71 24.68 -59.43
C GLY A 93 -6.61 23.99 -58.61
N THR A 94 -6.32 24.59 -57.45
CA THR A 94 -5.14 24.26 -56.62
C THR A 94 -5.23 22.92 -55.86
N GLU A 95 -6.41 22.31 -55.74
CA GLU A 95 -6.59 21.04 -55.01
C GLU A 95 -5.85 19.88 -55.69
N ALA A 96 -6.16 19.61 -56.96
CA ALA A 96 -5.50 18.53 -57.71
C ALA A 96 -4.00 18.80 -57.84
N LEU A 97 -3.63 20.05 -58.12
CA LEU A 97 -2.25 20.54 -58.15
C LEU A 97 -1.50 20.16 -56.86
N LYS A 98 -1.96 20.61 -55.69
CA LYS A 98 -1.28 20.34 -54.42
C LYS A 98 -1.22 18.86 -54.11
N LYS A 99 -2.32 18.12 -54.28
CA LYS A 99 -2.36 16.67 -54.00
C LYS A 99 -1.42 15.88 -54.92
N GLN A 100 -1.24 16.32 -56.17
CA GLN A 100 -0.31 15.70 -57.13
C GLN A 100 1.16 16.13 -56.92
N LEU A 101 1.42 17.32 -56.39
CA LEU A 101 2.76 17.71 -55.95
C LEU A 101 3.18 16.95 -54.67
N VAL A 102 2.28 16.80 -53.71
CA VAL A 102 2.56 16.15 -52.41
C VAL A 102 2.57 14.62 -52.51
N GLY A 103 1.49 14.01 -53.03
CA GLY A 103 1.25 12.57 -53.02
C GLY A 103 1.90 11.80 -54.17
N LEU A 104 3.22 11.88 -54.31
CA LEU A 104 3.93 11.29 -55.46
C LEU A 104 4.15 9.77 -55.69
N LEU A 105 4.36 9.42 -56.95
CA LEU A 105 4.61 8.07 -57.50
C LEU A 105 3.62 6.99 -57.00
N ASN A 106 2.37 7.04 -57.45
CA ASN A 106 1.44 5.91 -57.26
C ASN A 106 1.92 4.69 -58.08
N GLN A 107 2.28 3.60 -57.40
CA GLN A 107 3.18 2.57 -57.95
C GLN A 107 2.58 1.64 -59.02
N LYS A 108 1.24 1.57 -59.20
CA LYS A 108 0.58 0.71 -60.21
C LYS A 108 1.24 0.80 -61.59
N LYS A 109 1.57 2.01 -62.00
CA LYS A 109 1.92 2.39 -63.38
C LYS A 109 3.40 2.14 -63.74
N ILE A 110 4.20 1.56 -62.84
CA ILE A 110 5.62 1.21 -63.07
C ILE A 110 5.79 0.17 -64.21
N ALA A 111 4.73 -0.56 -64.54
CA ALA A 111 4.72 -1.69 -65.46
C ALA A 111 5.24 -1.39 -66.89
N ASP A 112 4.62 -0.44 -67.61
CA ASP A 112 4.73 -0.37 -69.08
C ASP A 112 6.15 -0.13 -69.63
N TYR A 113 6.96 0.73 -69.00
CA TYR A 113 8.27 1.10 -69.57
C TYR A 113 9.24 -0.10 -69.62
N ILE A 114 9.19 -0.99 -68.63
CA ILE A 114 9.98 -2.24 -68.63
C ILE A 114 9.53 -3.18 -69.76
N ALA A 115 8.23 -3.18 -70.11
CA ALA A 115 7.72 -3.92 -71.27
C ALA A 115 8.09 -3.28 -72.63
N LYS A 116 8.40 -1.99 -72.66
CA LYS A 116 9.00 -1.31 -73.82
C LYS A 116 10.52 -1.57 -73.89
N LYS A 117 11.22 -1.63 -72.76
CA LYS A 117 12.64 -2.02 -72.68
C LYS A 117 12.88 -3.49 -73.08
N VAL A 118 12.02 -4.40 -72.61
CA VAL A 118 12.20 -5.85 -72.75
C VAL A 118 10.89 -6.52 -73.16
N ASP A 119 10.93 -7.46 -74.10
CA ASP A 119 9.76 -8.27 -74.46
C ASP A 119 9.52 -9.39 -73.42
N LEU A 120 8.94 -9.02 -72.28
CA LEU A 120 8.87 -9.80 -71.03
C LEU A 120 8.24 -11.19 -71.19
N GLN A 121 7.17 -11.27 -71.97
CA GLN A 121 6.43 -12.52 -72.20
C GLN A 121 7.19 -13.50 -73.12
N ASN A 122 8.06 -12.96 -73.97
CA ASN A 122 8.93 -13.68 -74.89
C ASN A 122 10.21 -14.18 -74.20
N GLN A 123 10.72 -13.43 -73.22
CA GLN A 123 11.78 -13.91 -72.35
C GLN A 123 11.31 -15.10 -71.49
N GLU A 124 12.27 -15.92 -71.06
CA GLU A 124 12.08 -16.78 -69.90
C GLU A 124 12.21 -15.97 -68.59
N PHE A 125 12.98 -14.87 -68.57
CA PHE A 125 13.10 -13.92 -67.45
C PHE A 125 13.84 -12.62 -67.85
N VAL A 126 14.14 -11.73 -66.91
CA VAL A 126 14.94 -10.51 -67.12
C VAL A 126 15.91 -10.34 -65.93
N ILE A 127 17.17 -9.93 -66.15
CA ILE A 127 18.17 -9.79 -65.07
C ILE A 127 18.45 -8.31 -64.76
N LEU A 128 18.43 -8.00 -63.47
CA LEU A 128 18.54 -6.65 -62.90
C LEU A 128 20.00 -6.31 -62.55
N THR A 129 20.27 -5.02 -62.34
CA THR A 129 21.56 -4.44 -61.93
C THR A 129 21.28 -3.13 -61.17
N GLY A 130 22.24 -2.62 -60.39
CA GLY A 130 22.04 -1.45 -59.50
C GLY A 130 21.25 -1.76 -58.22
N MET A 131 20.38 -2.78 -58.26
CA MET A 131 19.85 -3.53 -57.12
C MET A 131 19.33 -2.71 -55.95
N GLY A 132 20.05 -2.65 -54.83
CA GLY A 132 19.60 -2.05 -53.58
C GLY A 132 19.55 -0.51 -53.57
N ASN A 133 19.73 0.13 -54.73
CA ASN A 133 19.52 1.57 -54.95
C ASN A 133 18.05 2.04 -54.79
N ALA A 134 17.25 1.31 -54.03
CA ALA A 134 15.80 1.35 -53.98
C ALA A 134 15.19 2.61 -53.36
N TRP A 135 15.96 3.55 -52.78
CA TRP A 135 15.37 4.63 -51.97
C TRP A 135 14.81 5.92 -52.62
N PRO A 136 14.36 5.91 -53.89
CA PRO A 136 13.32 6.83 -54.37
C PRO A 136 11.94 6.53 -53.72
N LEU A 137 10.87 6.38 -54.50
CA LEU A 137 9.54 5.94 -54.03
C LEU A 137 9.13 4.51 -54.51
N VAL A 138 9.99 3.80 -55.24
CA VAL A 138 9.75 2.41 -55.68
C VAL A 138 10.02 1.43 -54.54
N ARG A 139 9.04 0.56 -54.25
CA ARG A 139 9.10 -0.45 -53.16
C ARG A 139 8.95 -1.87 -53.73
N GLY A 140 9.57 -2.86 -53.08
CA GLY A 140 9.66 -4.24 -53.61
C GLY A 140 8.31 -4.89 -53.90
N HIS A 141 7.44 -5.03 -52.90
CA HIS A 141 6.13 -5.65 -53.12
C HIS A 141 5.23 -4.83 -54.05
N GLU A 142 5.41 -3.51 -54.13
CA GLU A 142 4.69 -2.66 -55.10
C GLU A 142 5.17 -2.92 -56.53
N LEU A 143 6.48 -3.02 -56.77
CA LEU A 143 7.03 -3.38 -58.08
C LEU A 143 6.51 -4.74 -58.54
N MET A 144 6.50 -5.71 -57.62
CA MET A 144 5.91 -7.03 -57.82
C MET A 144 4.39 -6.98 -57.99
N SER A 145 3.70 -5.98 -57.46
CA SER A 145 2.27 -5.75 -57.74
C SER A 145 2.02 -5.09 -59.10
N ALA A 146 2.95 -4.24 -59.57
CA ALA A 146 2.83 -3.50 -60.81
C ALA A 146 3.13 -4.35 -62.07
N LEU A 147 4.29 -5.02 -62.11
CA LEU A 147 4.76 -5.68 -63.34
C LEU A 147 3.90 -6.86 -63.81
N GLN A 148 3.02 -7.43 -62.98
CA GLN A 148 2.05 -8.45 -63.41
C GLN A 148 1.03 -7.94 -64.43
N ASP A 149 0.90 -6.63 -64.63
CA ASP A 149 0.13 -6.07 -65.76
C ASP A 149 0.74 -6.37 -67.13
N VAL A 150 2.05 -6.70 -67.22
CA VAL A 150 2.80 -6.77 -68.49
C VAL A 150 3.77 -7.96 -68.63
N MET A 151 4.28 -8.52 -67.53
CA MET A 151 5.12 -9.74 -67.55
C MET A 151 4.36 -10.96 -68.10
N GLY A 152 3.03 -10.91 -68.15
CA GLY A 152 2.19 -12.08 -68.38
C GLY A 152 2.49 -13.14 -67.31
N PHE A 153 2.57 -14.40 -67.70
CA PHE A 153 2.99 -15.49 -66.81
C PHE A 153 4.50 -15.51 -66.51
N THR A 154 5.35 -14.76 -67.22
CA THR A 154 6.81 -14.85 -67.05
C THR A 154 7.23 -14.47 -65.61
N PRO A 155 8.07 -15.29 -64.94
CA PRO A 155 8.62 -14.99 -63.62
C PRO A 155 9.33 -13.63 -63.44
N LEU A 156 9.18 -13.05 -62.25
CA LEU A 156 9.95 -11.89 -61.74
C LEU A 156 10.49 -12.24 -60.34
N LEU A 157 11.68 -11.80 -59.97
CA LEU A 157 12.32 -12.11 -58.68
C LEU A 157 12.51 -10.86 -57.81
N MET A 158 11.88 -10.82 -56.62
CA MET A 158 12.03 -9.73 -55.66
C MET A 158 13.36 -9.83 -54.89
N PHE A 159 14.46 -9.48 -55.56
CA PHE A 159 15.67 -9.07 -54.86
C PHE A 159 15.34 -7.89 -53.95
N TYR A 160 15.50 -8.01 -52.64
CA TYR A 160 15.25 -6.88 -51.74
C TYR A 160 16.30 -6.72 -50.63
N PRO A 161 16.88 -5.52 -50.46
CA PRO A 161 18.02 -5.27 -49.57
C PRO A 161 17.54 -5.19 -48.12
N GLY A 162 17.38 -6.34 -47.47
CA GLY A 162 16.87 -6.47 -46.13
C GLY A 162 16.29 -7.86 -45.88
N THR A 163 15.02 -7.92 -45.50
CA THR A 163 14.33 -9.15 -45.06
C THR A 163 12.92 -9.28 -45.64
N TYR A 164 12.45 -10.53 -45.74
CA TYR A 164 11.06 -10.91 -45.93
C TYR A 164 10.82 -12.11 -45.02
N SER A 165 10.05 -11.93 -43.96
CA SER A 165 9.88 -12.91 -42.88
C SER A 165 9.04 -14.15 -43.27
N GLY A 166 8.90 -14.43 -44.56
CA GLY A 166 7.82 -15.24 -45.12
C GLY A 166 6.49 -14.47 -45.17
N HIS A 167 6.48 -13.20 -44.78
CA HIS A 167 5.31 -12.32 -44.81
C HIS A 167 5.72 -10.85 -44.90
N ASP A 168 6.28 -10.27 -43.85
CA ASP A 168 6.63 -8.84 -43.79
C ASP A 168 7.95 -8.58 -44.52
N LEU A 169 7.84 -7.87 -45.65
CA LEU A 169 8.97 -7.32 -46.38
C LEU A 169 9.49 -6.07 -45.66
N SER A 170 10.82 -5.88 -45.60
CA SER A 170 11.41 -4.63 -45.11
C SER A 170 12.85 -4.40 -45.61
N PRO A 171 13.16 -3.24 -46.21
CA PRO A 171 14.51 -2.89 -46.65
C PRO A 171 15.32 -2.16 -45.56
N LEU A 172 16.64 -2.11 -45.75
CA LEU A 172 17.55 -1.15 -45.11
C LEU A 172 17.42 -1.09 -43.58
N ALA A 173 17.25 0.09 -42.98
CA ALA A 173 17.17 0.30 -41.53
C ALA A 173 15.80 -0.07 -40.90
N GLY A 174 14.87 -0.62 -41.68
CA GLY A 174 13.51 -1.00 -41.25
C GLY A 174 12.45 -0.03 -41.75
N ILE A 175 11.85 -0.34 -42.91
CA ILE A 175 10.86 0.48 -43.62
C ILE A 175 9.76 -0.41 -44.24
N ASP A 176 8.64 0.16 -44.69
CA ASP A 176 7.45 -0.53 -45.24
C ASP A 176 6.64 -1.33 -44.20
N SER A 177 5.40 -1.67 -44.52
CA SER A 177 4.42 -2.32 -43.61
C SER A 177 3.51 -3.30 -44.36
N ARG A 178 4.11 -4.05 -45.30
CA ARG A 178 3.43 -4.72 -46.43
C ARG A 178 4.07 -6.07 -46.74
N ASN A 179 3.39 -6.88 -47.55
CA ASN A 179 3.75 -8.28 -47.86
C ASN A 179 3.69 -8.55 -49.37
N TYR A 180 4.28 -9.67 -49.80
CA TYR A 180 4.00 -10.25 -51.11
C TYR A 180 3.91 -11.78 -51.02
N TYR A 181 3.03 -12.41 -51.80
CA TYR A 181 2.70 -13.85 -51.65
C TYR A 181 2.47 -14.62 -52.97
N ARG A 182 2.10 -13.96 -54.07
CA ARG A 182 2.01 -14.63 -55.39
C ARG A 182 3.35 -15.21 -55.83
N ALA A 183 4.42 -14.58 -55.36
CA ALA A 183 5.80 -14.99 -55.58
C ALA A 183 6.26 -16.10 -54.62
N PHE A 184 6.97 -17.10 -55.14
CA PHE A 184 7.50 -18.22 -54.35
C PHE A 184 8.85 -17.88 -53.72
N ARG A 185 9.18 -18.38 -52.53
CA ARG A 185 10.53 -18.13 -51.98
C ARG A 185 11.58 -18.87 -52.81
N LEU A 186 12.51 -18.14 -53.41
CA LEU A 186 13.57 -18.74 -54.24
C LEU A 186 14.47 -19.61 -53.38
N VAL A 187 14.98 -19.01 -52.32
CA VAL A 187 15.51 -19.71 -51.15
C VAL A 187 15.08 -18.90 -49.92
N PRO A 188 14.43 -19.51 -48.91
CA PRO A 188 14.08 -18.82 -47.67
C PRO A 188 15.26 -18.23 -46.89
N GLU A 189 14.97 -17.53 -45.80
CA GLU A 189 15.99 -16.98 -44.88
C GLU A 189 16.84 -18.06 -44.18
N SER A 190 16.29 -19.25 -44.00
CA SER A 190 16.66 -20.13 -42.89
C SER A 190 16.69 -21.63 -43.22
N GLY A 191 17.33 -22.39 -42.34
CA GLY A 191 17.57 -23.83 -42.46
C GLY A 191 18.78 -24.16 -43.34
N PRO A 192 19.21 -25.44 -43.41
CA PRO A 192 20.33 -25.85 -44.25
C PRO A 192 20.03 -25.61 -45.74
N ALA A 193 18.77 -25.68 -46.15
CA ALA A 193 18.32 -25.32 -47.50
C ALA A 193 18.67 -23.87 -47.90
N ALA A 194 18.95 -22.99 -46.95
CA ALA A 194 19.44 -21.64 -47.18
C ALA A 194 20.97 -21.53 -47.33
N THR A 195 21.75 -22.61 -47.16
CA THR A 195 23.23 -22.53 -46.99
C THR A 195 24.03 -23.68 -47.64
N LEU A 196 23.57 -24.30 -48.74
CA LEU A 196 24.17 -25.54 -49.28
C LEU A 196 25.47 -25.36 -50.11
N ASN A 197 26.51 -24.76 -49.52
CA ASN A 197 27.89 -24.82 -50.03
C ASN A 197 28.93 -25.09 -48.91
N PRO A 198 28.91 -26.29 -48.29
CA PRO A 198 29.91 -26.74 -47.31
C PRO A 198 31.23 -27.21 -47.97
N ARG A 199 32.21 -27.57 -47.15
CA ARG A 199 33.49 -28.19 -47.55
C ARG A 199 33.88 -29.33 -46.61
N THR B 2 45.06 24.47 -38.78
CA THR B 2 46.19 23.74 -39.41
C THR B 2 46.23 22.24 -39.09
N LEU B 3 46.34 21.84 -37.82
CA LEU B 3 46.33 20.43 -37.43
C LEU B 3 44.93 19.80 -37.55
N GLN B 4 43.86 20.58 -37.36
CA GLN B 4 42.51 20.14 -37.72
C GLN B 4 42.44 19.76 -39.21
N ASN B 5 43.11 20.49 -40.10
CA ASN B 5 43.26 20.13 -41.50
C ASN B 5 44.13 18.90 -41.71
N GLN B 6 45.24 18.72 -40.97
CA GLN B 6 46.01 17.47 -41.04
C GLN B 6 45.19 16.25 -40.64
N GLU B 7 44.40 16.35 -39.57
CA GLU B 7 43.52 15.27 -39.12
C GLU B 7 42.26 15.14 -39.98
N PHE B 8 41.78 16.21 -40.61
CA PHE B 8 40.74 16.19 -41.65
C PHE B 8 41.24 15.42 -42.87
N ILE B 9 42.45 15.72 -43.35
CA ILE B 9 43.15 14.99 -44.40
C ILE B 9 43.31 13.51 -44.00
N ALA B 10 43.82 13.20 -42.81
CA ALA B 10 44.00 11.82 -42.36
C ALA B 10 42.66 11.07 -42.20
N GLY B 11 41.61 11.72 -41.70
CA GLY B 11 40.27 11.14 -41.57
C GLY B 11 39.60 10.87 -42.92
N LEU B 12 39.68 11.81 -43.86
CA LEU B 12 39.22 11.62 -45.24
C LEU B 12 40.00 10.51 -45.95
N LYS B 13 41.34 10.48 -45.84
CA LYS B 13 42.18 9.38 -46.33
C LYS B 13 41.72 8.04 -45.76
N ALA B 14 41.44 7.96 -44.46
CA ALA B 14 40.96 6.73 -43.82
C ALA B 14 39.59 6.27 -44.35
N LYS B 15 38.73 7.19 -44.83
CA LYS B 15 37.45 6.83 -45.46
C LYS B 15 37.65 6.42 -46.92
N PHE B 16 38.33 7.25 -47.70
CA PHE B 16 38.61 7.03 -49.11
C PHE B 16 39.55 5.85 -49.43
N ALA B 17 40.25 5.31 -48.43
CA ALA B 17 41.03 4.09 -48.61
C ALA B 17 40.16 2.87 -49.00
N GLU B 18 38.91 2.80 -48.54
CA GLU B 18 38.05 1.62 -48.73
C GLU B 18 36.61 1.92 -49.19
N HIS B 19 36.12 3.15 -49.02
CA HIS B 19 34.88 3.60 -49.65
C HIS B 19 35.16 4.58 -50.79
N ARG B 20 34.61 4.31 -51.98
CA ARG B 20 34.68 5.23 -53.12
C ARG B 20 33.97 6.55 -52.84
N ILE B 21 32.88 6.54 -52.09
CA ILE B 21 32.11 7.74 -51.75
C ILE B 21 32.09 7.96 -50.25
N VAL B 22 32.35 9.19 -49.85
CA VAL B 22 32.40 9.63 -48.46
C VAL B 22 31.45 10.81 -48.30
N PHE B 23 30.56 10.74 -47.32
CA PHE B 23 29.72 11.85 -46.92
C PHE B 23 30.48 12.79 -45.98
N TRP B 24 29.99 14.01 -45.80
CA TRP B 24 30.46 14.98 -44.80
C TRP B 24 29.38 16.05 -44.63
N HIS B 25 28.46 15.86 -43.70
CA HIS B 25 27.46 16.87 -43.37
C HIS B 25 28.08 17.94 -42.48
N ASP B 26 27.80 19.20 -42.81
CA ASP B 26 28.57 20.34 -42.31
C ASP B 26 27.68 21.54 -41.96
N PRO B 27 26.62 21.39 -41.13
CA PRO B 27 25.87 22.55 -40.63
C PRO B 27 26.76 23.47 -39.77
N ASP B 28 27.83 22.94 -39.18
CA ASP B 28 28.87 23.68 -38.49
C ASP B 28 29.93 24.31 -39.43
N LYS B 29 29.89 24.00 -40.73
CA LYS B 29 30.75 24.54 -41.81
C LYS B 29 32.25 24.47 -41.48
N ARG B 30 32.72 23.32 -40.99
CA ARG B 30 33.94 23.17 -40.18
C ARG B 30 35.25 23.36 -40.95
N PHE B 31 35.22 23.17 -42.27
CA PHE B 31 36.37 23.29 -43.17
C PHE B 31 35.96 23.95 -44.51
N LEU B 32 35.16 25.01 -44.41
CA LEU B 32 34.50 25.66 -45.55
C LEU B 32 35.47 26.29 -46.57
N GLU B 33 36.68 26.66 -46.13
CA GLU B 33 37.66 27.38 -46.96
C GLU B 33 38.69 26.44 -47.62
N GLU B 34 39.01 25.35 -46.94
CA GLU B 34 40.20 24.51 -47.20
C GLU B 34 39.98 23.40 -48.24
N LEU B 35 38.84 23.41 -48.94
CA LEU B 35 38.34 22.32 -49.80
C LEU B 35 39.35 21.82 -50.84
N ASP B 36 40.18 22.71 -51.40
CA ASP B 36 41.20 22.40 -52.41
C ASP B 36 42.64 22.27 -51.85
N ASN B 37 42.85 22.48 -50.54
CA ASN B 37 44.12 22.17 -49.87
C ASN B 37 44.30 20.65 -49.62
N LEU B 38 43.21 19.91 -49.84
CA LEU B 38 43.02 18.49 -49.58
C LEU B 38 43.82 17.59 -50.55
N GLU B 39 44.66 16.72 -50.01
CA GLU B 39 45.65 15.91 -50.77
C GLU B 39 45.08 14.74 -51.59
N LEU B 40 43.78 14.45 -51.50
CA LEU B 40 43.19 13.17 -51.92
C LEU B 40 43.43 12.82 -53.40
N GLU B 41 43.86 11.59 -53.65
CA GLU B 41 43.86 11.00 -54.99
C GLU B 41 42.42 10.90 -55.52
N ASN B 42 42.19 11.29 -56.78
CA ASN B 42 40.93 11.27 -57.51
C ASN B 42 39.74 12.07 -56.95
N VAL B 43 39.57 12.23 -55.63
CA VAL B 43 38.30 12.66 -55.01
C VAL B 43 37.74 13.96 -55.57
N THR B 44 36.45 13.92 -55.91
CA THR B 44 35.64 15.08 -56.31
C THR B 44 34.71 15.47 -55.16
N LEU B 45 34.77 16.71 -54.70
CA LEU B 45 33.77 17.24 -53.77
C LEU B 45 32.44 17.43 -54.49
N LEU B 46 31.34 17.02 -53.87
CA LEU B 46 29.97 17.30 -54.30
C LEU B 46 29.22 18.06 -53.20
N ASP B 47 29.14 19.39 -53.27
CA ASP B 47 28.10 20.08 -52.51
C ASP B 47 26.75 19.68 -53.09
N MET B 48 26.01 18.88 -52.33
CA MET B 48 24.77 18.24 -52.73
C MET B 48 23.56 19.15 -52.65
N THR B 49 23.69 20.31 -52.01
CA THR B 49 22.58 21.15 -51.56
C THR B 49 21.73 21.69 -52.71
N ASP B 50 22.40 22.14 -53.78
CA ASP B 50 21.76 22.70 -54.98
C ASP B 50 21.56 21.65 -56.09
N GLN B 51 21.99 20.41 -55.86
CA GLN B 51 22.01 19.36 -56.89
C GLN B 51 20.62 18.80 -57.16
N SER B 52 20.41 18.37 -58.40
CA SER B 52 19.39 17.36 -58.70
C SER B 52 19.83 16.03 -58.09
N GLN B 53 19.39 15.73 -56.86
CA GLN B 53 20.00 14.64 -56.07
C GLN B 53 19.75 13.25 -56.67
N LEU B 54 18.72 13.09 -57.50
CA LEU B 54 18.58 11.96 -58.43
C LEU B 54 19.75 11.89 -59.40
N ALA B 55 19.98 12.94 -60.18
CA ALA B 55 21.04 12.98 -61.18
C ALA B 55 22.47 12.97 -60.57
N VAL B 56 22.65 13.35 -59.30
CA VAL B 56 23.97 13.23 -58.63
C VAL B 56 24.15 11.89 -57.91
N LYS B 57 23.09 11.22 -57.44
CA LYS B 57 23.17 9.77 -57.19
C LYS B 57 23.57 9.03 -58.46
N LYS B 58 22.94 9.37 -59.59
CA LYS B 58 23.28 8.84 -60.92
C LYS B 58 24.75 9.13 -61.27
N ARG B 59 25.23 10.36 -61.03
CA ARG B 59 26.66 10.70 -61.18
C ARG B 59 27.54 9.73 -60.40
N ILE B 60 27.24 9.60 -59.11
CA ILE B 60 28.01 8.80 -58.18
C ILE B 60 28.03 7.33 -58.59
N GLU B 61 26.86 6.74 -58.81
CA GLU B 61 26.69 5.30 -59.05
C GLU B 61 26.92 4.93 -60.53
N ILE B 62 26.06 5.44 -61.41
CA ILE B 62 25.95 5.00 -62.80
C ILE B 62 27.05 5.62 -63.65
N ASP B 63 27.17 6.94 -63.60
CA ASP B 63 27.99 7.68 -64.56
C ASP B 63 29.48 7.52 -64.28
N GLU B 64 29.87 7.55 -63.00
CA GLU B 64 31.28 7.62 -62.61
C GLU B 64 31.66 6.46 -61.67
N PRO B 65 31.57 5.20 -62.12
CA PRO B 65 31.64 4.01 -61.26
C PRO B 65 33.02 3.77 -60.62
N GLU B 66 34.05 4.47 -61.10
CA GLU B 66 35.42 4.43 -60.55
C GLU B 66 35.84 5.75 -59.88
N GLN B 67 35.02 6.81 -59.98
CA GLN B 67 35.35 8.13 -59.41
C GLN B 67 35.09 8.15 -57.90
N GLN B 68 36.04 8.64 -57.11
CA GLN B 68 35.81 8.88 -55.68
C GLN B 68 35.10 10.22 -55.41
N PHE B 69 34.20 10.28 -54.42
CA PHE B 69 33.40 11.49 -54.16
C PHE B 69 33.31 11.87 -52.68
N LEU B 70 33.44 13.17 -52.36
CA LEU B 70 33.23 13.72 -51.02
C LEU B 70 31.98 14.61 -51.01
N LEU B 71 30.87 14.11 -50.49
CA LEU B 71 29.60 14.85 -50.49
C LEU B 71 29.54 15.86 -49.34
N TRP B 72 28.90 17.01 -49.56
CA TRP B 72 28.80 18.09 -48.58
C TRP B 72 27.40 18.72 -48.56
N PHE B 73 26.95 19.15 -47.38
CA PHE B 73 25.72 19.92 -47.16
C PHE B 73 25.89 20.86 -45.94
N PRO B 74 25.16 21.99 -45.87
CA PRO B 74 25.02 22.86 -44.71
C PRO B 74 23.90 22.41 -43.75
N HIS B 75 23.35 21.21 -43.95
CA HIS B 75 22.29 20.57 -43.14
C HIS B 75 22.45 19.04 -43.20
N ASP B 76 21.58 18.27 -42.56
CA ASP B 76 21.56 16.79 -42.64
C ASP B 76 21.08 16.29 -44.03
N ALA B 77 20.68 15.02 -44.14
CA ALA B 77 20.15 14.45 -45.39
C ALA B 77 18.92 15.22 -45.94
N PRO B 78 18.66 15.17 -47.26
CA PRO B 78 17.38 15.60 -47.84
C PRO B 78 16.24 14.68 -47.37
N PRO B 79 14.96 15.10 -47.50
CA PRO B 79 13.81 14.38 -46.96
C PRO B 79 13.75 12.90 -47.39
N LYS B 80 13.65 11.97 -46.43
CA LYS B 80 13.84 10.53 -46.71
C LYS B 80 12.88 9.97 -47.75
N GLU B 81 11.67 10.50 -47.90
CA GLU B 81 10.74 10.08 -48.95
C GLU B 81 11.26 10.38 -50.38
N PHE B 82 12.15 11.35 -50.52
CA PHE B 82 12.82 11.74 -51.75
C PHE B 82 14.33 11.52 -51.67
N ASP B 83 14.86 10.91 -50.60
CA ASP B 83 16.29 10.70 -50.41
C ASP B 83 16.77 9.53 -51.27
N TRP B 84 16.87 9.78 -52.58
CA TRP B 84 17.40 8.86 -53.58
C TRP B 84 18.66 8.17 -53.04
N LEU B 85 19.52 8.92 -52.35
CA LEU B 85 20.84 8.53 -51.85
C LEU B 85 20.82 7.70 -50.57
N LEU B 86 19.67 7.45 -49.94
CA LEU B 86 19.64 6.87 -48.60
C LEU B 86 20.32 5.49 -48.53
N ASP B 87 20.14 4.63 -49.52
CA ASP B 87 20.80 3.32 -49.55
C ASP B 87 22.34 3.45 -49.51
N ILE B 88 22.90 4.34 -50.34
CA ILE B 88 24.33 4.70 -50.30
C ILE B 88 24.70 5.25 -48.94
N ARG B 89 23.94 6.23 -48.47
CA ARG B 89 24.13 6.89 -47.17
C ARG B 89 24.28 5.85 -46.07
N LEU B 90 23.54 4.77 -46.16
CA LEU B 90 23.57 3.68 -45.22
C LEU B 90 24.73 2.71 -45.46
N TYR B 91 24.93 2.16 -46.67
CA TYR B 91 25.97 1.15 -46.86
C TYR B 91 27.38 1.75 -46.89
N SER B 92 27.52 3.06 -47.11
CA SER B 92 28.80 3.75 -47.30
C SER B 92 29.35 4.32 -45.97
N THR B 93 30.07 5.45 -46.00
CA THR B 93 30.70 6.06 -44.80
C THR B 93 30.71 7.60 -44.82
N GLU B 94 30.78 8.25 -43.64
CA GLU B 94 30.97 9.70 -43.49
C GLU B 94 32.37 10.02 -42.95
N PHE B 95 33.02 11.01 -43.54
CA PHE B 95 34.15 11.66 -42.90
C PHE B 95 33.69 12.58 -41.75
N HIS B 96 34.25 12.33 -40.57
CA HIS B 96 33.99 13.11 -39.38
C HIS B 96 34.83 14.39 -39.32
N ALA B 97 34.31 15.44 -39.95
CA ALA B 97 34.76 16.80 -39.74
C ALA B 97 34.49 17.29 -38.29
N ASP B 98 33.45 16.74 -37.66
CA ASP B 98 33.14 16.88 -36.24
C ASP B 98 34.25 16.33 -35.34
N PHE B 99 34.45 16.96 -34.17
CA PHE B 99 35.52 16.64 -33.22
C PHE B 99 34.96 15.94 -31.98
N ALA B 100 35.51 14.78 -31.63
CA ALA B 100 35.00 13.96 -30.54
C ALA B 100 35.35 14.49 -29.14
N ALA B 101 36.43 15.25 -28.99
CA ALA B 101 37.01 15.61 -27.69
C ALA B 101 36.04 16.36 -26.76
N ILE B 102 35.24 17.29 -27.29
CA ILE B 102 34.21 18.00 -26.51
C ILE B 102 33.22 17.01 -25.90
N THR B 103 32.65 16.14 -26.73
CA THR B 103 31.72 15.10 -26.31
C THR B 103 32.37 14.17 -25.30
N LEU B 104 33.53 13.58 -25.63
CA LEU B 104 34.30 12.68 -24.77
C LEU B 104 34.50 13.27 -23.37
N ASN B 105 35.10 14.45 -23.29
CA ASN B 105 35.40 15.04 -21.99
C ASN B 105 34.16 15.63 -21.30
N THR B 106 33.09 15.96 -22.03
CA THR B 106 31.81 16.35 -21.43
C THR B 106 31.01 15.15 -20.95
N LEU B 107 31.27 13.94 -21.46
CA LEU B 107 30.92 12.64 -20.84
C LEU B 107 31.87 12.25 -19.71
N GLY B 108 32.92 13.03 -19.49
CA GLY B 108 34.11 12.56 -18.78
C GLY B 108 34.97 11.69 -19.69
N ILE B 109 34.40 10.55 -20.15
CA ILE B 109 35.03 9.53 -20.99
C ILE B 109 36.00 10.13 -22.03
N PRO B 110 37.30 10.21 -21.76
CA PRO B 110 38.24 10.84 -22.69
C PRO B 110 38.62 9.90 -23.84
N GLN B 111 38.05 8.70 -23.85
CA GLN B 111 38.60 7.49 -24.45
C GLN B 111 38.52 7.52 -25.98
N LEU B 112 39.67 7.69 -26.64
CA LEU B 112 39.81 7.74 -28.10
C LEU B 112 39.54 6.40 -28.83
N GLY B 113 39.29 5.31 -28.10
CA GLY B 113 38.74 4.05 -28.63
C GLY B 113 37.21 4.07 -28.69
N LEU B 114 36.55 4.24 -27.52
CA LEU B 114 35.08 4.28 -27.41
C LEU B 114 34.46 5.45 -28.19
N ARG B 115 35.27 6.48 -28.47
CA ARG B 115 35.08 7.49 -29.52
C ARG B 115 34.40 6.93 -30.77
N GLU B 116 34.74 5.74 -31.24
CA GLU B 116 34.13 5.21 -32.47
C GLU B 116 32.70 4.71 -32.27
N HIS B 117 32.32 4.29 -31.07
CA HIS B 117 30.92 4.00 -30.74
C HIS B 117 30.16 5.28 -30.45
N ILE B 118 30.80 6.21 -29.77
CA ILE B 118 30.27 7.55 -29.55
C ILE B 118 30.06 8.25 -30.88
N GLN B 119 30.94 8.05 -31.86
CA GLN B 119 30.77 8.44 -33.25
C GLN B 119 29.55 7.74 -33.84
N ARG B 120 29.39 6.43 -33.64
CA ARG B 120 28.15 5.70 -33.95
C ARG B 120 26.92 6.20 -33.16
N ARG B 121 27.10 7.08 -32.18
CA ARG B 121 26.07 7.76 -31.39
C ARG B 121 26.02 9.28 -31.61
N LYS B 122 26.69 9.83 -32.63
CA LYS B 122 26.80 11.27 -32.94
C LYS B 122 25.49 12.06 -32.77
N ALA B 123 24.36 11.50 -33.21
CA ALA B 123 23.04 12.14 -33.12
C ALA B 123 22.40 12.14 -31.71
N PHE B 124 23.05 11.58 -30.69
CA PHE B 124 22.56 11.50 -29.30
C PHE B 124 22.75 12.82 -28.54
N PHE B 125 23.81 13.56 -28.83
CA PHE B 125 24.44 14.44 -27.82
C PHE B 125 23.92 15.89 -27.73
N SER B 126 23.84 16.36 -26.49
CA SER B 126 23.78 17.76 -26.06
C SER B 126 24.46 17.86 -24.68
N THR B 127 24.94 19.05 -24.29
CA THR B 127 25.74 19.25 -23.06
C THR B 127 25.06 18.67 -21.81
N LYS B 128 23.74 18.83 -21.70
CA LYS B 128 22.89 18.25 -20.65
C LYS B 128 23.13 16.75 -20.50
N ARG B 129 22.87 15.98 -21.57
CA ARG B 129 23.04 14.52 -21.57
C ARG B 129 24.49 14.14 -21.36
N LEU B 130 25.41 14.81 -22.04
CA LEU B 130 26.85 14.56 -21.92
C LEU B 130 27.27 14.62 -20.44
N SER B 131 27.00 15.74 -19.78
CA SER B 131 27.38 15.96 -18.39
C SER B 131 26.56 15.14 -17.40
N ALA B 132 25.28 14.92 -17.65
CA ALA B 132 24.50 13.97 -16.85
C ALA B 132 25.16 12.59 -16.90
N LEU B 133 25.58 12.18 -18.09
CA LEU B 133 26.28 10.93 -18.29
C LEU B 133 27.67 10.97 -17.68
N LYS B 134 28.38 12.10 -17.71
CA LYS B 134 29.58 12.29 -16.89
C LYS B 134 29.29 12.03 -15.42
N GLY B 135 28.12 12.47 -14.94
CA GLY B 135 27.64 12.18 -13.60
C GLY B 135 27.41 10.68 -13.32
N LEU B 136 27.33 9.85 -14.36
CA LEU B 136 27.11 8.40 -14.28
C LEU B 136 28.29 7.58 -14.81
N VAL B 137 29.22 8.21 -15.50
CA VAL B 137 30.30 7.54 -16.17
C VAL B 137 31.27 6.98 -15.16
N THR B 138 31.83 5.83 -15.50
CA THR B 138 32.88 5.11 -14.77
C THR B 138 33.85 4.62 -15.84
N GLU B 139 34.92 5.37 -16.09
CA GLU B 139 35.63 5.43 -17.39
C GLU B 139 36.36 4.15 -17.85
N GLN B 140 36.32 3.05 -17.09
CA GLN B 140 36.42 1.68 -17.60
C GLN B 140 35.16 1.25 -18.40
N GLU B 141 34.54 2.17 -19.12
CA GLU B 141 33.37 1.91 -19.95
C GLU B 141 33.72 0.96 -21.11
N ASN B 142 32.70 0.32 -21.65
CA ASN B 142 32.74 -0.49 -22.86
C ASN B 142 31.43 -0.23 -23.63
N GLU B 143 31.31 -0.70 -24.85
CA GLU B 143 30.13 -0.37 -25.67
C GLU B 143 28.83 -0.79 -24.98
N ALA B 144 28.77 -1.99 -24.39
CA ALA B 144 27.60 -2.43 -23.66
C ALA B 144 27.30 -1.59 -22.41
N SER B 145 28.30 -1.16 -21.65
CA SER B 145 28.04 -0.25 -20.53
C SER B 145 27.58 1.10 -21.06
N LEU B 146 28.19 1.63 -22.12
CA LEU B 146 27.75 2.86 -22.76
C LEU B 146 26.29 2.73 -23.16
N ASP B 147 25.93 1.62 -23.78
CA ASP B 147 24.56 1.33 -24.14
C ASP B 147 23.68 1.36 -22.89
N LYS B 148 23.99 0.54 -21.88
CA LYS B 148 23.19 0.40 -20.67
C LYS B 148 23.02 1.73 -19.97
N LYS B 149 24.08 2.51 -19.95
CA LYS B 149 24.07 3.83 -19.36
C LYS B 149 23.34 4.81 -20.23
N MET B 150 23.46 4.75 -21.55
CA MET B 150 22.69 5.63 -22.41
C MET B 150 21.21 5.33 -22.27
N VAL B 151 20.85 4.07 -22.06
CA VAL B 151 19.50 3.72 -21.65
C VAL B 151 19.20 4.43 -20.35
N ALA B 152 20.03 4.23 -19.34
CA ALA B 152 19.82 4.84 -18.04
C ALA B 152 19.67 6.36 -18.14
N VAL B 153 20.41 7.00 -19.05
CA VAL B 153 20.37 8.44 -19.29
C VAL B 153 19.04 8.87 -19.85
N ILE B 154 18.49 8.10 -20.77
CA ILE B 154 17.16 8.38 -21.28
C ILE B 154 16.11 8.07 -20.21
N ALA B 155 16.37 7.09 -19.34
CA ALA B 155 15.46 6.58 -18.32
C ALA B 155 15.36 7.40 -17.01
N GLY B 156 16.29 8.34 -16.74
CA GLY B 156 16.23 9.27 -15.59
C GLY B 156 16.71 8.71 -14.24
N VAL B 157 17.00 7.42 -14.16
CA VAL B 157 17.66 6.76 -13.03
C VAL B 157 19.14 7.17 -12.95
N LYS B 158 19.81 6.87 -11.83
CA LYS B 158 21.24 7.16 -11.63
C LYS B 158 22.11 5.95 -11.28
N THR B 159 21.56 4.75 -11.46
CA THR B 159 22.31 3.49 -11.61
C THR B 159 21.70 2.70 -12.78
N ALA B 160 22.53 2.08 -13.61
CA ALA B 160 22.11 1.46 -14.87
C ALA B 160 21.89 -0.06 -14.72
N LYS B 161 20.79 -0.49 -14.08
CA LYS B 161 20.46 -1.93 -13.87
C LYS B 161 19.01 -2.21 -14.23
N THR B 162 18.76 -3.31 -14.94
CA THR B 162 17.50 -3.47 -15.67
C THR B 162 16.30 -3.51 -14.77
N GLU B 163 16.41 -4.06 -13.56
CA GLU B 163 15.35 -3.98 -12.57
C GLU B 163 14.98 -2.52 -12.28
N GLU B 164 15.95 -1.66 -12.00
CA GLU B 164 15.67 -0.27 -11.66
C GLU B 164 15.20 0.51 -12.88
N ILE B 165 15.80 0.22 -14.02
CA ILE B 165 15.34 0.78 -15.29
C ILE B 165 13.90 0.39 -15.46
N LEU B 166 13.59 -0.90 -15.30
CA LEU B 166 12.24 -1.41 -15.37
C LEU B 166 11.38 -0.71 -14.37
N PHE B 167 11.83 -0.51 -13.15
CA PHE B 167 11.00 0.17 -12.19
C PHE B 167 10.61 1.54 -12.72
N SER B 168 11.57 2.28 -13.29
CA SER B 168 11.24 3.52 -13.97
C SER B 168 10.25 3.27 -15.09
N LEU B 169 10.58 2.40 -16.04
CA LEU B 169 9.73 2.15 -17.18
C LEU B 169 8.35 1.67 -16.78
N ILE B 170 8.24 0.92 -15.70
CA ILE B 170 7.01 0.40 -15.20
C ILE B 170 6.25 1.53 -14.54
N THR B 171 6.94 2.50 -13.94
CA THR B 171 6.31 3.76 -13.58
C THR B 171 5.68 4.37 -14.81
N GLN B 172 6.47 4.49 -15.86
CA GLN B 172 5.96 5.05 -17.10
C GLN B 172 4.88 4.17 -17.75
N TYR B 173 4.86 2.86 -17.49
CA TYR B 173 3.79 1.98 -17.93
C TYR B 173 2.52 2.23 -17.14
N VAL B 174 2.60 2.30 -15.82
CA VAL B 174 1.46 2.62 -14.95
C VAL B 174 0.86 3.97 -15.35
N ASN B 175 1.69 4.95 -15.70
CA ASN B 175 1.25 6.19 -16.32
C ASN B 175 0.54 5.94 -17.67
N GLN B 176 1.25 5.31 -18.62
CA GLN B 176 0.79 5.08 -20.00
C GLN B 176 -0.54 4.29 -20.06
N GLN B 177 -0.76 3.40 -19.10
CA GLN B 177 -1.97 2.59 -18.99
C GLN B 177 -3.18 3.32 -18.39
N LYS B 178 -3.00 4.48 -17.75
CA LYS B 178 -4.09 5.16 -17.01
C LYS B 178 -4.19 6.66 -17.25
N ASP B 179 -3.06 7.36 -17.19
CA ASP B 179 -2.96 8.78 -16.91
C ASP B 179 -2.10 9.53 -17.95
N ASP B 180 -2.48 9.42 -19.22
CA ASP B 180 -2.06 10.30 -20.32
C ASP B 180 -0.52 10.45 -20.46
N ASP B 181 0.17 9.36 -20.80
CA ASP B 181 1.63 9.32 -20.95
C ASP B 181 2.06 8.38 -22.11
N SER B 182 3.24 8.64 -22.66
CA SER B 182 3.88 7.86 -23.72
C SER B 182 5.41 7.85 -23.59
N ASP B 183 6.01 8.51 -22.58
CA ASP B 183 7.48 8.58 -22.45
C ASP B 183 8.15 7.23 -22.21
N LEU B 184 7.40 6.19 -21.84
CA LEU B 184 7.84 4.80 -21.98
C LEU B 184 8.23 4.53 -23.43
N GLU B 185 7.29 4.63 -24.34
CA GLU B 185 7.53 4.34 -25.74
C GLU B 185 8.41 5.40 -26.39
N ASN B 186 8.37 6.67 -25.95
CA ASN B 186 9.34 7.66 -26.43
C ASN B 186 10.75 7.32 -25.95
N THR B 187 10.89 6.78 -24.73
CA THR B 187 12.17 6.22 -24.28
C THR B 187 12.57 5.06 -25.17
N LEU B 188 11.73 4.04 -25.32
CA LEU B 188 11.98 2.89 -26.18
C LEU B 188 12.38 3.30 -27.61
N ALA B 189 11.68 4.26 -28.19
CA ALA B 189 11.99 4.80 -29.51
C ALA B 189 13.34 5.53 -29.53
N MET B 190 13.62 6.34 -28.51
CA MET B 190 14.94 6.93 -28.33
C MET B 190 16.03 5.89 -28.03
N LEU B 191 15.69 4.72 -27.47
CA LEU B 191 16.62 3.61 -27.37
C LEU B 191 16.90 3.08 -28.78
N LYS B 192 15.85 2.78 -29.54
CA LYS B 192 15.93 2.25 -30.90
C LYS B 192 16.68 3.17 -31.86
N ARG B 193 16.54 4.49 -31.69
CA ARG B 193 17.28 5.56 -32.38
C ARG B 193 18.81 5.38 -32.34
N HIS B 194 19.28 4.62 -31.36
CA HIS B 194 20.69 4.37 -31.09
C HIS B 194 20.98 2.88 -30.90
N ASP B 195 20.17 1.99 -31.49
CA ASP B 195 20.20 0.52 -31.37
C ASP B 195 19.87 -0.05 -29.98
N LEU B 196 19.84 0.81 -28.97
CA LEU B 196 19.71 0.46 -27.57
C LEU B 196 18.42 -0.25 -27.21
N GLU B 197 17.32 -0.11 -27.97
CA GLU B 197 16.11 -0.82 -27.55
C GLU B 197 16.33 -2.33 -27.71
N GLY B 198 17.07 -2.72 -28.76
CA GLY B 198 17.52 -4.10 -28.89
C GLY B 198 18.30 -4.50 -27.65
N VAL B 199 19.26 -3.68 -27.25
CA VAL B 199 20.03 -3.94 -26.04
C VAL B 199 19.16 -3.98 -24.78
N LEU B 200 18.09 -3.18 -24.68
CA LEU B 200 17.13 -3.24 -23.57
C LEU B 200 16.49 -4.62 -23.51
N TRP B 201 15.83 -5.02 -24.60
CA TRP B 201 15.10 -6.29 -24.60
C TRP B 201 16.06 -7.50 -24.64
N ASP B 202 17.33 -7.30 -25.01
CA ASP B 202 18.43 -8.25 -24.80
C ASP B 202 18.79 -8.39 -23.33
N ILE B 203 19.10 -7.29 -22.64
CA ILE B 203 19.52 -7.35 -21.25
C ILE B 203 18.33 -7.64 -20.32
N LEU B 204 17.10 -7.39 -20.76
CA LEU B 204 15.92 -7.97 -20.14
C LEU B 204 15.94 -9.50 -20.14
N ASN B 205 16.65 -10.17 -21.03
CA ASN B 205 16.97 -11.59 -20.88
C ASN B 205 18.20 -11.80 -19.97
N GLN B 206 19.28 -11.04 -20.14
CA GLN B 206 20.52 -11.21 -19.35
C GLN B 206 20.33 -10.98 -17.85
N GLU B 207 19.39 -10.11 -17.46
CA GLU B 207 19.09 -9.74 -16.08
C GLU B 207 17.68 -10.21 -15.64
N MET B 208 16.62 -9.87 -16.38
CA MET B 208 15.23 -10.18 -15.95
C MET B 208 14.64 -11.48 -16.54
N GLY B 209 15.39 -12.21 -17.38
CA GLY B 209 14.93 -13.40 -18.11
C GLY B 209 13.56 -13.25 -18.79
N TYR B 210 13.33 -12.07 -19.39
CA TYR B 210 12.20 -11.78 -20.26
C TYR B 210 12.64 -11.75 -21.72
N GLN B 211 11.79 -12.33 -22.57
CA GLN B 211 11.83 -12.21 -24.02
C GLN B 211 10.40 -12.21 -24.58
N ALA B 212 10.25 -11.64 -25.76
CA ALA B 212 9.18 -11.94 -26.69
C ALA B 212 9.69 -11.66 -28.12
N GLU B 213 9.00 -12.16 -29.14
CA GLU B 213 9.30 -11.82 -30.53
C GLU B 213 8.93 -10.37 -30.86
N HIS B 214 7.87 -9.86 -30.23
CA HIS B 214 7.34 -8.51 -30.42
C HIS B 214 6.98 -7.89 -29.05
N PRO B 215 7.98 -7.66 -28.19
CA PRO B 215 7.76 -7.32 -26.79
C PRO B 215 7.15 -5.93 -26.59
N THR B 216 6.49 -5.79 -25.45
CA THR B 216 6.04 -4.51 -24.88
C THR B 216 6.06 -4.67 -23.38
N LEU B 217 6.05 -3.54 -22.67
CA LEU B 217 6.00 -3.61 -21.21
C LEU B 217 4.69 -4.24 -20.73
N GLU B 218 3.62 -4.14 -21.50
CA GLU B 218 2.39 -4.88 -21.25
C GLU B 218 2.59 -6.39 -21.24
N ASN B 219 3.33 -6.91 -22.21
CA ASN B 219 3.59 -8.34 -22.32
C ASN B 219 4.57 -8.82 -21.25
N LEU B 220 5.62 -8.04 -20.99
CA LEU B 220 6.49 -8.31 -19.87
C LEU B 220 5.71 -8.31 -18.56
N ILE B 221 4.87 -7.32 -18.32
CA ILE B 221 4.08 -7.25 -17.09
C ILE B 221 3.10 -8.41 -16.99
N LEU B 222 2.51 -8.88 -18.09
CA LEU B 222 1.85 -10.17 -18.08
C LEU B 222 2.82 -11.26 -17.62
N LYS B 223 3.90 -11.49 -18.35
CA LYS B 223 4.81 -12.60 -18.10
C LYS B 223 5.38 -12.62 -16.68
N LEU B 224 5.73 -11.45 -16.17
CA LEU B 224 6.31 -11.30 -14.85
C LEU B 224 5.24 -11.39 -13.76
N PHE B 225 4.04 -10.82 -13.95
CA PHE B 225 2.92 -11.04 -13.02
C PHE B 225 2.63 -12.52 -12.90
N CYS B 226 2.53 -13.19 -14.03
CA CYS B 226 2.34 -14.62 -14.10
C CYS B 226 3.43 -15.38 -13.34
N THR B 227 4.65 -14.86 -13.23
CA THR B 227 5.71 -15.52 -12.45
C THR B 227 5.33 -15.66 -10.98
N ASP B 228 5.13 -14.55 -10.26
CA ASP B 228 4.88 -14.63 -8.82
C ASP B 228 3.44 -15.08 -8.53
N LEU B 229 2.51 -14.80 -9.44
CA LEU B 229 1.21 -15.48 -9.50
C LEU B 229 1.40 -16.99 -9.48
N SER B 230 2.30 -17.54 -10.32
CA SER B 230 2.57 -18.96 -10.36
C SER B 230 3.26 -19.45 -9.09
N ALA B 231 4.26 -18.72 -8.59
CA ALA B 231 4.95 -19.09 -7.35
C ALA B 231 4.01 -19.11 -6.13
N GLN B 232 2.94 -18.30 -6.19
CA GLN B 232 1.89 -18.23 -5.19
C GLN B 232 0.55 -18.81 -5.70
N ALA B 233 0.56 -19.63 -6.76
CA ALA B 233 -0.68 -20.12 -7.34
C ALA B 233 -1.38 -21.09 -6.39
N ASP B 234 -2.66 -21.36 -6.60
CA ASP B 234 -3.39 -22.34 -5.80
C ASP B 234 -2.74 -23.72 -5.95
N PRO B 235 -2.20 -24.37 -4.90
CA PRO B 235 -1.60 -25.69 -5.01
C PRO B 235 -2.58 -26.74 -5.57
N GLN B 236 -3.88 -26.55 -5.37
CA GLN B 236 -4.92 -27.39 -5.94
C GLN B 236 -5.16 -27.10 -7.44
N LYS B 237 -4.70 -25.96 -7.98
CA LYS B 237 -4.99 -25.46 -9.33
C LYS B 237 -3.86 -24.59 -9.92
N ARG B 238 -2.59 -25.01 -9.81
CA ARG B 238 -1.46 -24.21 -10.33
C ARG B 238 -1.35 -24.26 -11.84
N GLU B 239 -1.31 -25.46 -12.40
CA GLU B 239 -0.72 -25.69 -13.73
C GLU B 239 -1.38 -24.87 -14.85
N TRP B 240 -2.70 -24.70 -14.83
CA TRP B 240 -3.41 -23.95 -15.88
C TRP B 240 -3.05 -22.45 -15.92
N LEU B 241 -2.37 -21.96 -14.88
CA LEU B 241 -1.86 -20.59 -14.77
C LEU B 241 -0.31 -20.51 -14.83
N GLU B 242 0.38 -21.64 -15.07
CA GLU B 242 1.85 -21.69 -15.22
C GLU B 242 2.34 -21.24 -16.61
N LYS B 243 1.42 -21.08 -17.58
CA LYS B 243 1.74 -21.14 -19.02
C LYS B 243 1.86 -19.79 -19.73
N ASN B 244 1.65 -18.68 -19.01
CA ASN B 244 1.77 -17.29 -19.48
C ASN B 244 2.96 -16.52 -18.85
N VAL B 245 3.95 -17.22 -18.30
CA VAL B 245 5.04 -16.71 -17.44
C VAL B 245 6.25 -16.14 -18.22
N LEU B 246 7.21 -15.50 -17.53
CA LEU B 246 8.53 -15.13 -18.06
C LEU B 246 9.22 -16.20 -18.90
N ALA B 247 10.01 -15.72 -19.86
CA ALA B 247 10.62 -16.54 -20.90
C ALA B 247 11.66 -17.54 -20.37
N THR B 248 12.31 -17.26 -19.23
CA THR B 248 13.26 -18.20 -18.61
C THR B 248 12.99 -18.39 -17.12
N PRO B 249 13.21 -19.59 -16.55
CA PRO B 249 13.21 -19.80 -15.09
C PRO B 249 14.23 -18.95 -14.33
N SER B 250 15.37 -18.62 -14.92
CA SER B 250 16.27 -17.61 -14.32
C SER B 250 15.60 -16.24 -14.27
N GLY B 251 14.80 -15.89 -15.28
CA GLY B 251 13.92 -14.73 -15.29
C GLY B 251 12.84 -14.82 -14.23
N ARG B 252 12.21 -15.99 -14.09
CA ARG B 252 11.28 -16.23 -12.98
C ARG B 252 11.94 -15.96 -11.65
N ALA B 253 13.14 -16.50 -11.42
CA ALA B 253 13.90 -16.26 -10.19
C ALA B 253 14.26 -14.78 -10.01
N SER B 254 14.70 -14.10 -11.07
CA SER B 254 14.89 -12.65 -11.06
C SER B 254 13.60 -11.94 -10.69
N ALA B 255 12.49 -12.32 -11.32
CA ALA B 255 11.18 -11.76 -11.11
C ALA B 255 10.65 -11.97 -9.71
N LEU B 256 10.90 -13.11 -9.08
CA LEU B 256 10.57 -13.28 -7.68
C LEU B 256 11.42 -12.35 -6.81
N ALA B 257 12.75 -12.29 -6.99
CA ALA B 257 13.58 -11.39 -6.19
C ALA B 257 13.21 -9.92 -6.42
N PHE B 258 12.88 -9.57 -7.65
CA PHE B 258 12.36 -8.30 -8.14
C PHE B 258 10.99 -8.00 -7.53
N MET B 259 10.08 -8.96 -7.43
CA MET B 259 8.77 -8.74 -6.84
C MET B 259 8.79 -8.75 -5.32
N VAL B 260 9.68 -9.55 -4.71
CA VAL B 260 10.04 -9.43 -3.29
C VAL B 260 10.58 -8.04 -3.02
N THR B 261 11.44 -7.51 -3.89
CA THR B 261 11.92 -6.13 -3.80
C THR B 261 10.76 -5.15 -3.94
N TRP B 262 9.93 -5.29 -4.97
CA TRP B 262 8.75 -4.46 -5.22
C TRP B 262 7.77 -4.45 -4.03
N ARG B 263 7.62 -5.56 -3.33
CA ARG B 263 6.90 -5.61 -2.05
C ARG B 263 7.65 -4.89 -0.94
N ALA B 264 8.87 -5.32 -0.64
CA ALA B 264 9.59 -4.91 0.56
C ALA B 264 10.00 -3.43 0.49
N ASP B 265 10.59 -3.05 -0.63
CA ASP B 265 11.02 -1.70 -0.92
C ASP B 265 9.82 -0.89 -1.42
N ARG B 266 9.12 -0.25 -0.48
CA ARG B 266 7.92 0.57 -0.74
C ARG B 266 8.15 1.77 -1.66
N ARG B 267 9.40 2.02 -2.11
CA ARG B 267 9.64 2.79 -3.35
C ARG B 267 8.77 2.27 -4.49
N TYR B 268 8.70 0.95 -4.67
CA TYR B 268 8.22 0.33 -5.90
C TYR B 268 7.09 -0.70 -5.77
N LYS B 269 6.50 -0.79 -4.57
CA LYS B 269 5.11 -1.22 -4.37
C LYS B 269 4.22 -0.69 -5.46
N GLU B 270 4.40 0.60 -5.81
CA GLU B 270 3.50 1.43 -6.59
C GLU B 270 3.00 0.76 -7.85
N ALA B 271 3.77 -0.11 -8.47
CA ALA B 271 3.33 -0.73 -9.70
C ALA B 271 2.24 -1.79 -9.50
N TYR B 272 2.02 -2.29 -8.28
CA TYR B 272 0.80 -3.01 -7.94
C TYR B 272 -0.45 -2.13 -7.86
N ASP B 273 -0.33 -0.81 -8.03
CA ASP B 273 -1.49 0.03 -8.34
C ASP B 273 -2.14 -0.32 -9.69
N TYR B 274 -1.46 -1.06 -10.58
CA TYR B 274 -2.05 -1.49 -11.85
C TYR B 274 -2.09 -3.00 -12.09
N CYS B 275 -1.12 -3.79 -11.63
CA CYS B 275 -1.18 -5.25 -11.82
C CYS B 275 -2.49 -5.85 -11.31
N ALA B 276 -2.93 -5.52 -10.09
CA ALA B 276 -4.19 -6.02 -9.54
C ALA B 276 -5.44 -5.56 -10.31
N GLN B 277 -5.33 -4.52 -11.14
CA GLN B 277 -6.39 -4.12 -12.06
C GLN B 277 -6.32 -4.89 -13.39
N GLN B 278 -5.12 -5.07 -13.96
CA GLN B 278 -4.94 -5.91 -15.13
C GLN B 278 -5.39 -7.35 -14.88
N MET B 279 -5.02 -7.89 -13.72
CA MET B 279 -4.92 -9.32 -13.54
C MET B 279 -6.18 -9.93 -12.91
N GLN B 280 -7.31 -9.79 -13.60
CA GLN B 280 -8.51 -10.61 -13.39
C GLN B 280 -9.14 -11.03 -14.71
N ASP B 281 -9.64 -10.07 -15.46
CA ASP B 281 -10.53 -10.32 -16.60
C ASP B 281 -9.84 -11.01 -17.79
N ALA B 282 -8.51 -11.12 -17.75
CA ALA B 282 -7.74 -11.92 -18.69
C ALA B 282 -8.18 -13.41 -18.72
N LEU B 283 -8.48 -14.00 -17.55
CA LEU B 283 -8.87 -15.42 -17.41
C LEU B 283 -9.96 -15.67 -16.35
N ARG B 284 -10.30 -14.65 -15.56
CA ARG B 284 -11.06 -14.73 -14.30
C ARG B 284 -10.70 -15.98 -13.46
N PRO B 285 -9.41 -16.17 -13.14
CA PRO B 285 -8.93 -17.38 -12.47
C PRO B 285 -9.50 -17.56 -11.08
N GLU B 286 -9.90 -16.48 -10.41
CA GLU B 286 -10.62 -16.53 -9.15
C GLU B 286 -11.95 -17.27 -9.26
N ASP B 287 -12.67 -17.03 -10.36
CA ASP B 287 -13.91 -17.72 -10.64
C ASP B 287 -13.63 -19.18 -11.05
N GLN B 288 -12.47 -19.45 -11.66
CA GLN B 288 -12.02 -20.82 -11.91
C GLN B 288 -11.58 -21.56 -10.62
N TYR B 289 -11.07 -20.83 -9.63
CA TYR B 289 -10.63 -21.38 -8.36
C TYR B 289 -11.77 -21.64 -7.37
N ARG B 290 -12.68 -20.68 -7.19
CA ARG B 290 -13.91 -20.76 -6.36
C ARG B 290 -13.71 -21.47 -5.01
N LEU B 291 -14.00 -22.76 -4.94
CA LEU B 291 -14.02 -23.56 -3.70
C LEU B 291 -12.64 -24.06 -3.24
N SER B 292 -11.54 -23.58 -3.81
CA SER B 292 -10.19 -23.92 -3.32
C SER B 292 -9.99 -23.58 -1.83
N SER B 293 -9.22 -24.39 -1.11
CA SER B 293 -9.02 -24.27 0.35
C SER B 293 -8.55 -22.87 0.83
N PRO B 294 -9.25 -22.20 1.77
CA PRO B 294 -8.92 -20.85 2.23
C PRO B 294 -7.70 -20.76 3.18
N TYR B 295 -7.67 -21.54 4.25
CA TYR B 295 -6.71 -21.32 5.35
C TYR B 295 -5.25 -21.53 4.95
N ASP B 296 -5.02 -22.38 3.95
CA ASP B 296 -3.73 -22.61 3.32
C ASP B 296 -3.20 -21.39 2.55
N LEU B 297 -4.05 -20.45 2.15
CA LEU B 297 -3.63 -19.28 1.36
C LEU B 297 -2.98 -18.18 2.20
N HIS B 298 -2.68 -18.43 3.48
CA HIS B 298 -1.79 -17.60 4.29
C HIS B 298 -0.54 -17.16 3.50
N GLU B 299 -0.04 -18.07 2.67
CA GLU B 299 1.02 -17.93 1.68
C GLU B 299 0.83 -16.79 0.66
N CYS B 300 -0.36 -16.68 0.06
CA CYS B 300 -0.54 -16.01 -1.24
C CYS B 300 -1.16 -14.62 -1.11
N GLU B 301 -0.51 -13.58 -1.60
CA GLU B 301 -0.99 -12.19 -1.49
C GLU B 301 -1.23 -11.51 -2.86
N THR B 302 -1.48 -12.31 -3.90
CA THR B 302 -1.41 -11.83 -5.28
C THR B 302 -2.45 -10.79 -5.67
N THR B 303 -3.67 -10.82 -5.13
CA THR B 303 -4.77 -9.98 -5.63
C THR B 303 -5.88 -9.73 -4.58
N LEU B 304 -6.73 -8.71 -4.83
CA LEU B 304 -8.02 -8.55 -4.15
C LEU B 304 -8.89 -9.81 -4.26
N SER B 305 -8.84 -10.47 -5.41
CA SER B 305 -9.62 -11.67 -5.62
C SER B 305 -9.15 -12.87 -4.79
N ILE B 306 -7.85 -13.12 -4.64
CA ILE B 306 -7.34 -14.18 -3.75
C ILE B 306 -7.93 -13.98 -2.37
N GLU B 307 -7.80 -12.75 -1.89
CA GLU B 307 -8.30 -12.36 -0.58
C GLU B 307 -9.80 -12.63 -0.51
N GLN B 308 -10.57 -12.08 -1.44
CA GLN B 308 -12.01 -12.28 -1.45
C GLN B 308 -12.39 -13.74 -1.68
N THR B 309 -11.52 -14.57 -2.25
CA THR B 309 -11.72 -16.02 -2.33
C THR B 309 -11.74 -16.58 -0.93
N ILE B 310 -10.71 -16.28 -0.17
CA ILE B 310 -10.53 -16.78 1.17
C ILE B 310 -11.66 -16.27 2.06
N ILE B 311 -12.06 -15.00 1.90
CA ILE B 311 -13.25 -14.45 2.57
C ILE B 311 -14.39 -15.38 2.32
N HIS B 312 -14.79 -15.53 1.06
CA HIS B 312 -16.06 -16.16 0.79
C HIS B 312 -15.97 -17.66 1.11
N ALA B 313 -14.80 -18.26 0.97
CA ALA B 313 -14.54 -19.63 1.40
C ALA B 313 -14.65 -19.81 2.92
N LEU B 314 -14.47 -18.77 3.71
CA LEU B 314 -14.63 -18.82 5.17
C LEU B 314 -15.96 -18.26 5.67
N VAL B 315 -16.53 -17.30 4.98
CA VAL B 315 -17.94 -16.92 5.07
C VAL B 315 -18.79 -18.15 4.82
N THR B 316 -18.43 -18.95 3.81
CA THR B 316 -18.95 -20.30 3.59
C THR B 316 -18.81 -21.11 4.87
N GLN B 317 -17.59 -21.28 5.37
CA GLN B 317 -17.36 -22.04 6.59
C GLN B 317 -18.10 -21.49 7.84
N LEU B 318 -18.65 -20.29 7.80
CA LEU B 318 -19.42 -19.71 8.90
C LEU B 318 -20.90 -19.47 8.63
N LEU B 319 -21.36 -19.72 7.42
CA LEU B 319 -22.77 -19.94 7.11
C LEU B 319 -23.08 -21.44 7.16
N GLU B 320 -22.13 -22.26 6.69
CA GLU B 320 -21.93 -23.64 7.17
C GLU B 320 -21.60 -23.65 8.66
N GLU B 321 -21.13 -22.51 9.16
CA GLU B 321 -21.25 -22.16 10.56
C GLU B 321 -20.52 -23.16 11.46
N SER B 322 -19.20 -23.12 11.33
CA SER B 322 -18.21 -23.90 12.05
C SER B 322 -18.21 -23.69 13.58
N THR B 323 -19.33 -23.84 14.30
CA THR B 323 -19.29 -23.99 15.77
C THR B 323 -18.30 -25.10 16.09
N THR B 324 -18.56 -26.30 15.58
CA THR B 324 -17.57 -27.38 15.49
C THR B 324 -16.39 -26.87 14.68
N LEU B 325 -15.22 -26.74 15.31
CA LEU B 325 -14.24 -25.76 14.87
C LEU B 325 -13.05 -26.40 14.16
N ASP B 326 -12.71 -25.89 12.98
CA ASP B 326 -11.54 -26.31 12.20
C ASP B 326 -10.22 -25.73 12.73
N ARG B 327 -10.01 -25.86 14.05
CA ARG B 327 -9.18 -24.96 14.87
C ARG B 327 -7.84 -24.54 14.28
N GLU B 328 -6.94 -25.47 13.99
CA GLU B 328 -5.59 -25.08 13.58
C GLU B 328 -5.56 -24.47 12.16
N ALA B 329 -6.46 -24.86 11.26
CA ALA B 329 -6.63 -24.16 9.98
C ALA B 329 -7.24 -22.77 10.21
N PHE B 330 -8.24 -22.70 11.09
CA PHE B 330 -8.78 -21.46 11.64
C PHE B 330 -7.67 -20.50 12.09
N LYS B 331 -6.61 -21.00 12.74
CA LYS B 331 -5.42 -20.24 13.13
C LYS B 331 -4.44 -19.98 11.99
N LYS B 332 -4.21 -20.95 11.09
CA LYS B 332 -3.15 -20.99 10.05
C LYS B 332 -2.99 -19.69 9.27
N LEU B 333 -4.12 -19.05 9.04
CA LEU B 333 -4.27 -17.88 8.22
C LEU B 333 -3.97 -16.53 8.95
N LEU B 334 -4.35 -16.40 10.22
CA LEU B 334 -4.72 -15.12 10.83
C LEU B 334 -3.63 -14.05 10.87
N SER B 335 -2.56 -14.29 11.65
CA SER B 335 -1.45 -13.33 11.80
C SER B 335 -0.72 -13.13 10.48
N GLU B 336 -0.57 -14.19 9.69
CA GLU B 336 0.05 -14.09 8.37
C GLU B 336 -0.72 -13.09 7.54
N ARG B 337 -2.04 -13.23 7.39
CA ARG B 337 -2.79 -12.25 6.63
C ARG B 337 -2.63 -10.87 7.22
N GLN B 338 -2.83 -10.67 8.52
CA GLN B 338 -2.66 -9.36 9.15
C GLN B 338 -1.31 -8.71 8.80
N SER B 339 -0.25 -9.50 8.68
CA SER B 339 1.10 -9.07 8.27
C SER B 339 1.34 -8.95 6.76
N LYS B 340 0.49 -9.53 5.92
CA LYS B 340 0.67 -9.63 4.45
C LYS B 340 0.21 -8.36 3.75
N TYR B 341 0.66 -8.15 2.52
CA TYR B 341 0.59 -6.87 1.82
C TYR B 341 -0.78 -6.18 1.89
N TRP B 342 -1.84 -6.79 1.35
CA TRP B 342 -3.11 -6.07 1.26
C TRP B 342 -3.62 -5.70 2.66
N CYS B 343 -3.48 -6.57 3.65
CA CYS B 343 -3.78 -6.29 5.06
C CYS B 343 -2.98 -5.10 5.55
N GLN B 344 -1.68 -5.11 5.28
CA GLN B 344 -0.80 -4.01 5.61
C GLN B 344 -1.23 -2.71 4.89
N THR B 345 -1.81 -2.78 3.70
CA THR B 345 -2.41 -1.59 3.07
C THR B 345 -3.71 -1.16 3.72
N ARG B 346 -4.51 -2.13 4.20
CA ARG B 346 -5.94 -1.97 4.50
C ARG B 346 -6.33 -2.80 5.72
N GLN B 347 -6.35 -2.10 6.85
CA GLN B 347 -6.58 -2.61 8.19
C GLN B 347 -7.88 -3.42 8.32
N GLU B 348 -8.93 -3.05 7.61
CA GLU B 348 -10.19 -3.77 7.63
C GLU B 348 -10.00 -5.23 7.23
N TYR B 349 -9.02 -5.48 6.35
CA TYR B 349 -8.65 -6.83 6.06
C TYR B 349 -7.94 -7.45 7.25
N CYS B 350 -7.02 -6.75 7.89
CA CYS B 350 -6.45 -7.27 9.11
C CYS B 350 -7.54 -7.65 10.13
N ALA B 351 -8.66 -6.93 10.13
CA ALA B 351 -9.78 -7.21 11.02
C ALA B 351 -10.42 -8.55 10.73
N ILE B 352 -10.37 -9.02 9.49
CA ILE B 352 -10.88 -10.31 9.12
C ILE B 352 -10.31 -11.37 10.02
N TYR B 353 -9.04 -11.27 10.27
CA TYR B 353 -8.33 -12.33 10.95
C TYR B 353 -8.57 -12.38 12.43
N ASP B 354 -9.25 -11.38 12.99
CA ASP B 354 -9.78 -11.49 14.34
C ASP B 354 -11.29 -11.53 14.39
N ALA B 355 -11.96 -11.11 13.33
CA ALA B 355 -13.29 -11.57 13.06
C ALA B 355 -13.23 -13.10 13.04
N LEU B 356 -12.12 -13.66 12.56
CA LEU B 356 -11.72 -15.03 12.77
C LEU B 356 -11.23 -15.28 14.19
N ARG B 357 -10.10 -14.73 14.62
CA ARG B 357 -9.46 -15.14 15.89
C ARG B 357 -10.42 -15.13 17.07
N GLN B 358 -11.30 -14.14 17.13
CA GLN B 358 -12.16 -14.00 18.28
C GLN B 358 -13.47 -14.75 18.11
N ALA B 359 -13.78 -15.18 16.89
CA ALA B 359 -14.73 -16.25 16.69
C ALA B 359 -14.08 -17.61 16.98
N GLU B 360 -12.78 -17.75 16.73
CA GLU B 360 -12.02 -18.97 17.02
C GLU B 360 -12.06 -19.23 18.51
N ARG B 361 -11.90 -18.17 19.32
CA ARG B 361 -12.36 -18.17 20.71
C ARG B 361 -13.82 -18.60 20.81
N LEU B 362 -14.79 -17.82 20.34
CA LEU B 362 -16.21 -18.03 20.68
C LEU B 362 -16.71 -19.43 20.37
N LEU B 363 -16.22 -20.05 19.31
CA LEU B 363 -16.68 -21.36 18.88
C LEU B 363 -15.90 -22.49 19.53
N ASN B 364 -14.62 -22.30 19.85
CA ASN B 364 -13.92 -23.20 20.77
C ASN B 364 -14.60 -23.18 22.15
N LEU B 365 -14.85 -21.97 22.66
CA LEU B 365 -15.58 -21.70 23.88
C LEU B 365 -16.95 -22.39 23.80
N ARG B 366 -17.77 -22.10 22.77
CA ARG B 366 -19.05 -22.78 22.54
C ARG B 366 -18.86 -24.27 22.58
N ASN B 367 -17.95 -24.86 21.81
CA ASN B 367 -17.77 -26.30 21.79
C ASN B 367 -17.52 -26.90 23.17
N ARG B 368 -16.60 -26.31 23.94
CA ARG B 368 -16.26 -26.81 25.27
C ARG B 368 -17.36 -26.63 26.28
N HIS B 369 -18.35 -25.79 25.97
CA HIS B 369 -19.48 -25.49 26.83
C HIS B 369 -20.73 -25.30 25.98
N ILE B 370 -21.07 -26.36 25.22
CA ILE B 370 -22.06 -26.31 24.12
C ILE B 370 -23.50 -26.59 24.57
N ASP B 371 -23.72 -26.88 25.84
CA ASP B 371 -25.05 -27.07 26.45
C ASP B 371 -25.28 -25.96 27.49
N GLY B 372 -24.76 -24.77 27.17
CA GLY B 372 -24.33 -23.85 28.20
C GLY B 372 -23.20 -24.49 29.02
N PHE B 373 -23.19 -24.22 30.32
CA PHE B 373 -22.15 -24.63 31.27
C PHE B 373 -22.80 -25.35 32.44
N HIS B 374 -22.08 -26.21 33.18
CA HIS B 374 -22.58 -26.70 34.46
C HIS B 374 -21.47 -26.94 35.47
N TYR B 375 -21.68 -26.47 36.70
CA TYR B 375 -20.83 -26.72 37.85
C TYR B 375 -21.70 -27.02 39.08
N GLN B 376 -21.10 -27.53 40.15
CA GLN B 376 -21.79 -28.23 41.25
C GLN B 376 -22.61 -27.31 42.18
N ASP B 377 -22.16 -26.09 42.41
CA ASP B 377 -22.79 -25.09 43.28
C ASP B 377 -22.41 -23.68 42.83
N SER B 378 -22.86 -22.65 43.54
CA SER B 378 -22.53 -21.27 43.20
C SER B 378 -21.03 -20.97 43.29
N ALA B 379 -20.29 -21.53 44.23
CA ALA B 379 -18.85 -21.32 44.34
C ALA B 379 -18.07 -21.96 43.18
N THR B 380 -18.44 -23.17 42.75
CA THR B 380 -17.75 -23.88 41.64
C THR B 380 -18.18 -23.36 40.27
N PHE B 381 -19.42 -22.90 40.08
CA PHE B 381 -19.77 -22.09 38.91
C PHE B 381 -18.97 -20.77 38.91
N TRP B 382 -18.88 -20.04 40.02
CA TRP B 382 -18.10 -18.80 40.13
C TRP B 382 -16.61 -19.02 39.80
N LYS B 383 -16.02 -20.10 40.33
CA LYS B 383 -14.64 -20.51 40.04
C LYS B 383 -14.41 -20.67 38.54
N ALA B 384 -15.26 -21.45 37.85
CA ALA B 384 -15.16 -21.57 36.39
C ALA B 384 -15.42 -20.23 35.67
N TYR B 385 -16.42 -19.45 36.10
CA TYR B 385 -16.74 -18.15 35.52
C TYR B 385 -15.52 -17.24 35.46
N CYS B 386 -14.82 -17.10 36.58
CA CYS B 386 -13.63 -16.27 36.67
C CYS B 386 -12.37 -16.88 36.01
N GLU B 387 -12.36 -18.16 35.60
CA GLU B 387 -11.40 -18.61 34.59
C GLU B 387 -11.76 -18.07 33.20
N GLU B 388 -13.03 -18.22 32.80
CA GLU B 388 -13.39 -18.31 31.38
C GLU B 388 -14.80 -17.89 31.00
N LEU B 389 -15.83 -18.04 31.84
CA LEU B 389 -17.22 -18.03 31.33
C LEU B 389 -17.83 -16.62 31.12
N PHE B 390 -16.99 -15.57 31.15
CA PHE B 390 -17.23 -14.27 30.51
C PHE B 390 -16.45 -14.09 29.21
N ARG B 391 -15.46 -14.93 28.90
CA ARG B 391 -14.65 -14.82 27.66
C ARG B 391 -15.53 -15.04 26.43
N PHE B 392 -16.66 -15.71 26.60
CA PHE B 392 -17.74 -15.83 25.62
C PHE B 392 -18.51 -14.52 25.37
N ASP B 393 -18.39 -13.54 26.26
CA ASP B 393 -18.74 -12.16 25.97
C ASP B 393 -17.67 -11.54 25.10
N GLN B 394 -16.43 -11.62 25.58
CA GLN B 394 -15.29 -11.01 24.95
C GLN B 394 -15.16 -11.45 23.52
N ALA B 395 -15.16 -12.74 23.28
CA ALA B 395 -14.91 -13.34 22.00
C ALA B 395 -15.99 -12.97 20.98
N TYR B 396 -17.27 -13.12 21.35
CA TYR B 396 -18.43 -12.73 20.52
C TYR B 396 -18.39 -11.26 20.17
N ARG B 397 -18.22 -10.45 21.21
CA ARG B 397 -18.11 -9.02 21.08
C ARG B 397 -16.98 -8.68 20.14
N LEU B 398 -15.79 -9.15 20.44
CA LEU B 398 -14.60 -8.91 19.66
C LEU B 398 -14.84 -9.30 18.21
N PHE B 399 -15.11 -10.56 17.92
CA PHE B 399 -15.09 -10.99 16.54
C PHE B 399 -16.20 -10.31 15.73
N ASN B 400 -17.38 -10.05 16.32
CA ASN B 400 -18.41 -9.28 15.63
C ASN B 400 -17.88 -7.89 15.30
N GLU B 401 -17.27 -7.22 16.26
CA GLU B 401 -16.68 -5.93 16.01
C GLU B 401 -15.52 -6.00 15.01
N TYR B 402 -14.75 -7.08 14.98
CA TYR B 402 -13.74 -7.25 13.97
C TYR B 402 -14.33 -7.52 12.61
N ALA B 403 -15.37 -8.33 12.52
CA ALA B 403 -16.11 -8.54 11.29
C ALA B 403 -16.62 -7.21 10.78
N LEU B 404 -17.21 -6.44 11.69
CA LEU B 404 -17.71 -5.10 11.46
C LEU B 404 -16.57 -4.12 11.18
N LEU B 405 -15.33 -4.43 11.55
CA LEU B 405 -14.15 -3.67 11.18
C LEU B 405 -13.60 -4.11 9.82
N VAL B 406 -13.86 -5.33 9.35
CA VAL B 406 -13.80 -5.63 7.92
C VAL B 406 -14.85 -4.82 7.19
N HIS B 407 -16.08 -4.82 7.71
CA HIS B 407 -17.19 -4.03 7.17
C HIS B 407 -17.04 -2.52 7.34
N SER B 408 -15.96 -2.02 7.95
CA SER B 408 -15.85 -0.61 8.37
C SER B 408 -16.08 0.39 7.24
N LYS B 409 -15.63 0.05 6.03
CA LYS B 409 -15.74 0.89 4.83
C LYS B 409 -17.02 0.62 4.03
N GLY B 410 -18.00 -0.06 4.62
CA GLY B 410 -19.23 -0.55 3.97
C GLY B 410 -19.11 -1.96 3.39
N ALA B 411 -17.96 -2.62 3.49
CA ALA B 411 -17.71 -3.97 2.96
C ALA B 411 -18.41 -5.07 3.77
N MET B 412 -19.74 -5.18 3.71
CA MET B 412 -20.58 -6.20 4.36
C MET B 412 -20.38 -7.62 3.82
N ILE B 413 -19.19 -7.92 3.31
CA ILE B 413 -18.70 -9.07 2.53
C ILE B 413 -18.79 -10.44 3.24
N LEU B 414 -19.51 -10.51 4.36
CA LEU B 414 -19.71 -11.66 5.24
C LEU B 414 -21.16 -11.79 5.76
N LYS B 415 -21.98 -10.74 5.63
CA LYS B 415 -23.11 -10.39 6.52
C LYS B 415 -23.80 -11.54 7.24
N SER B 416 -24.45 -12.45 6.54
CA SER B 416 -25.53 -13.24 7.15
C SER B 416 -25.10 -14.25 8.22
N LEU B 417 -23.81 -14.59 8.32
CA LEU B 417 -23.34 -15.41 9.45
C LEU B 417 -23.41 -14.64 10.79
N ASP B 418 -23.52 -13.31 10.79
CA ASP B 418 -23.97 -12.54 11.96
C ASP B 418 -25.26 -13.12 12.53
N ASP B 419 -26.19 -13.46 11.64
CA ASP B 419 -27.47 -14.05 12.01
C ASP B 419 -27.29 -15.48 12.55
N TYR B 420 -26.31 -16.25 12.06
CA TYR B 420 -25.97 -17.55 12.69
C TYR B 420 -25.43 -17.32 14.11
N ILE B 421 -24.37 -16.53 14.27
CA ILE B 421 -23.69 -16.39 15.55
C ILE B 421 -24.57 -15.68 16.57
N GLU B 422 -25.35 -14.72 16.13
CA GLU B 422 -26.33 -14.15 17.00
C GLU B 422 -27.37 -15.16 17.47
N ALA B 423 -27.82 -16.07 16.59
CA ALA B 423 -28.66 -17.14 17.07
C ALA B 423 -27.94 -18.02 18.08
N LEU B 424 -26.61 -18.20 17.99
CA LEU B 424 -25.89 -18.80 19.11
C LEU B 424 -26.19 -18.00 20.36
N TYR B 425 -26.07 -16.69 20.30
CA TYR B 425 -26.33 -15.84 21.45
C TYR B 425 -27.74 -16.01 21.99
N SER B 426 -28.74 -15.44 21.31
CA SER B 426 -30.11 -15.44 21.79
C SER B 426 -30.56 -16.85 22.08
N ASN B 427 -30.40 -17.73 21.11
CA ASN B 427 -31.13 -18.98 21.10
C ASN B 427 -30.33 -20.17 21.66
N TRP B 428 -29.08 -19.99 22.10
CA TRP B 428 -28.31 -21.11 22.60
C TRP B 428 -27.42 -20.77 23.80
N TYR B 429 -26.43 -19.90 23.63
CA TYR B 429 -25.42 -19.51 24.59
C TYR B 429 -26.10 -18.97 25.84
N LEU B 430 -26.90 -17.92 25.64
CA LEU B 430 -27.73 -17.37 26.69
C LEU B 430 -28.73 -18.46 27.09
N ALA B 431 -29.46 -18.99 26.11
CA ALA B 431 -30.57 -19.91 26.32
C ALA B 431 -30.31 -21.08 27.27
N GLU B 432 -29.12 -21.66 27.27
CA GLU B 432 -28.87 -22.91 27.97
C GLU B 432 -28.43 -22.76 29.42
N LEU B 433 -27.31 -22.09 29.70
CA LEU B 433 -26.82 -21.98 31.09
C LEU B 433 -27.83 -21.30 32.00
N SER B 434 -28.68 -20.48 31.40
CA SER B 434 -30.01 -20.14 31.88
C SER B 434 -30.55 -21.14 32.88
N ARG B 435 -30.91 -22.31 32.38
CA ARG B 435 -31.38 -23.48 33.08
C ARG B 435 -30.30 -24.02 34.00
N SER B 436 -29.05 -24.14 33.54
CA SER B 436 -28.02 -24.85 34.31
C SER B 436 -27.76 -24.26 35.71
N TRP B 437 -27.49 -22.96 35.80
CA TRP B 437 -27.26 -22.36 37.12
C TRP B 437 -28.58 -22.14 37.87
N ASN B 438 -29.73 -22.23 37.20
CA ASN B 438 -30.95 -22.48 37.95
C ASN B 438 -30.83 -23.76 38.73
N LYS B 439 -30.47 -24.88 38.10
CA LYS B 439 -30.40 -26.16 38.81
C LYS B 439 -29.48 -26.09 40.02
N VAL B 440 -28.43 -25.27 39.99
CA VAL B 440 -27.64 -25.00 41.18
C VAL B 440 -28.36 -24.13 42.21
N LEU B 441 -28.99 -23.03 41.84
CA LEU B 441 -29.78 -22.30 42.82
C LEU B 441 -30.97 -23.11 43.34
N GLU B 442 -31.43 -24.09 42.59
CA GLU B 442 -32.42 -25.07 43.02
C GLU B 442 -31.83 -26.05 44.03
N THR B 443 -30.57 -26.40 43.83
CA THR B 443 -29.80 -27.26 44.74
C THR B 443 -29.52 -26.53 46.05
N GLU B 444 -29.12 -25.28 45.97
CA GLU B 444 -28.65 -24.52 47.13
C GLU B 444 -29.75 -23.76 47.88
N ASN B 445 -30.73 -23.25 47.13
CA ASN B 445 -31.67 -22.22 47.58
C ASN B 445 -30.99 -21.06 48.33
N ARG B 446 -29.84 -20.55 47.84
CA ARG B 446 -29.12 -19.43 48.48
C ARG B 446 -30.00 -18.20 48.69
N MET B 447 -31.08 -18.10 47.93
CA MET B 447 -32.26 -17.28 48.12
C MET B 447 -32.44 -16.79 49.56
N GLN B 448 -32.61 -17.71 50.51
CA GLN B 448 -32.69 -17.42 51.94
C GLN B 448 -31.70 -18.30 52.73
N GLU B 449 -30.60 -18.68 52.08
CA GLU B 449 -29.60 -19.62 52.57
C GLU B 449 -28.22 -19.01 52.30
N TRP B 450 -27.93 -17.94 53.04
CA TRP B 450 -26.91 -17.00 52.66
C TRP B 450 -25.51 -17.34 53.19
N ARG B 451 -24.91 -18.38 52.64
CA ARG B 451 -23.43 -18.52 52.54
C ARG B 451 -23.01 -19.29 51.29
N ILE B 452 -21.88 -18.88 50.71
CA ILE B 452 -21.23 -19.48 49.54
C ILE B 452 -19.74 -19.67 49.90
N ALA B 453 -19.14 -20.80 49.52
CA ALA B 453 -17.78 -21.12 49.92
C ALA B 453 -16.73 -20.10 49.43
N GLY B 454 -15.92 -19.56 50.36
CA GLY B 454 -14.74 -18.73 50.09
C GLY B 454 -14.99 -17.28 49.62
N VAL B 455 -15.74 -17.09 48.54
CA VAL B 455 -15.80 -15.82 47.78
C VAL B 455 -16.37 -14.64 48.62
N PRO B 456 -15.73 -13.46 48.62
CA PRO B 456 -16.20 -12.30 49.39
C PRO B 456 -17.50 -11.68 48.87
N ARG B 457 -18.06 -10.77 49.66
CA ARG B 457 -19.40 -10.19 49.49
C ARG B 457 -19.34 -8.67 49.55
N GLN B 458 -20.17 -7.98 48.76
CA GLN B 458 -20.22 -6.51 48.71
C GLN B 458 -20.87 -5.83 49.95
N GLN B 459 -21.62 -6.56 50.79
CA GLN B 459 -22.66 -6.01 51.69
C GLN B 459 -22.22 -5.09 52.87
N ASN B 460 -20.93 -4.82 53.09
CA ASN B 460 -20.45 -4.02 54.24
C ASN B 460 -19.11 -3.29 53.97
N PHE B 461 -18.83 -2.90 52.72
CA PHE B 461 -17.47 -2.53 52.24
C PHE B 461 -16.78 -1.37 52.98
N TYR B 462 -17.41 -0.20 53.12
CA TYR B 462 -16.75 0.90 53.83
C TYR B 462 -16.71 0.62 55.35
N ASN B 463 -17.71 -0.08 55.90
CA ASN B 463 -17.77 -0.47 57.31
C ASN B 463 -16.66 -1.47 57.73
N GLU B 464 -16.36 -2.49 56.90
CA GLU B 464 -15.47 -3.62 57.27
C GLU B 464 -14.33 -3.95 56.27
N VAL B 465 -14.12 -3.14 55.22
CA VAL B 465 -12.99 -3.32 54.27
C VAL B 465 -12.18 -2.04 54.06
N VAL B 466 -12.81 -0.89 53.78
CA VAL B 466 -12.11 0.33 53.32
C VAL B 466 -11.04 0.82 54.28
N LYS B 467 -11.39 1.30 55.47
CA LYS B 467 -10.37 1.74 56.42
C LYS B 467 -9.50 0.58 56.95
N PRO B 468 -9.99 -0.67 57.04
CA PRO B 468 -9.14 -1.86 57.17
C PRO B 468 -8.09 -2.07 56.06
N GLN B 469 -8.14 -1.35 54.93
CA GLN B 469 -7.01 -1.31 53.99
C GLN B 469 -5.81 -0.52 54.52
N PHE B 470 -5.92 0.14 55.68
CA PHE B 470 -4.82 0.86 56.33
C PHE B 470 -3.78 -0.09 56.99
N ASN B 471 -3.76 -1.38 56.64
CA ASN B 471 -2.82 -2.40 57.16
C ASN B 471 -1.35 -2.21 56.70
N ASN B 472 -1.09 -1.35 55.70
CA ASN B 472 0.26 -0.88 55.34
C ASN B 472 0.43 0.59 55.78
N PRO B 473 1.55 0.96 56.44
CA PRO B 473 1.66 2.20 57.21
C PRO B 473 1.50 3.51 56.42
N GLN B 474 1.61 3.46 55.10
CA GLN B 474 1.39 4.64 54.26
C GLN B 474 -0.08 5.07 54.22
N ILE B 475 -1.03 4.17 54.47
CA ILE B 475 -2.36 4.28 53.87
C ILE B 475 -3.42 4.90 54.78
N LYS B 476 -4.16 5.86 54.20
CA LYS B 476 -5.46 6.34 54.70
C LYS B 476 -6.52 6.65 53.64
N ARG B 477 -6.20 6.63 52.33
CA ARG B 477 -7.01 7.34 51.29
C ARG B 477 -6.57 7.09 49.83
N VAL B 478 -7.48 6.90 48.87
CA VAL B 478 -7.22 7.04 47.41
C VAL B 478 -8.43 7.66 46.70
N PHE B 479 -8.25 8.22 45.51
CA PHE B 479 -9.34 8.80 44.72
C PHE B 479 -10.22 7.73 44.07
N VAL B 480 -11.53 7.99 44.02
CA VAL B 480 -12.56 7.14 43.42
C VAL B 480 -13.12 7.64 42.11
N ILE B 481 -13.25 6.74 41.15
CA ILE B 481 -14.16 6.90 40.03
C ILE B 481 -15.33 5.93 40.23
N ILE B 482 -16.54 6.43 40.01
CA ILE B 482 -17.82 5.81 40.30
C ILE B 482 -18.56 5.65 39.00
N SER B 483 -18.84 4.42 38.59
CA SER B 483 -19.32 4.17 37.24
C SER B 483 -20.67 3.45 37.18
N ASP B 484 -21.42 3.75 36.12
CA ASP B 484 -22.75 3.21 35.82
C ASP B 484 -22.69 2.22 34.65
N ALA B 485 -23.18 0.98 34.84
CA ALA B 485 -23.22 -0.16 33.90
C ALA B 485 -21.85 -0.68 33.35
N LEU B 486 -21.46 -1.93 33.65
CA LEU B 486 -20.21 -2.56 33.17
C LEU B 486 -20.24 -4.12 33.14
N ARG B 487 -20.57 -4.71 31.99
CA ARG B 487 -20.42 -6.16 31.69
C ARG B 487 -19.00 -6.59 32.04
N TYR B 488 -18.88 -7.52 32.99
CA TYR B 488 -17.67 -7.70 33.80
C TYR B 488 -16.39 -7.76 32.96
N GLU B 489 -16.47 -8.34 31.76
CA GLU B 489 -15.31 -8.54 30.90
C GLU B 489 -14.52 -7.25 30.54
N VAL B 490 -15.06 -6.02 30.68
CA VAL B 490 -14.22 -4.81 30.63
C VAL B 490 -13.12 -4.92 31.64
N ALA B 491 -13.50 -5.20 32.87
CA ALA B 491 -12.60 -5.49 33.97
C ALA B 491 -11.95 -6.89 33.90
N GLU B 492 -11.84 -7.49 32.72
CA GLU B 492 -10.82 -8.51 32.45
C GLU B 492 -9.98 -8.14 31.24
N GLU B 493 -10.57 -7.58 30.17
CA GLU B 493 -9.84 -7.11 28.99
C GLU B 493 -8.85 -5.97 29.31
N LEU B 494 -9.31 -4.93 29.99
CA LEU B 494 -8.54 -3.76 30.41
C LEU B 494 -7.26 -4.12 31.20
N GLY B 495 -7.33 -5.20 31.99
CA GLY B 495 -6.28 -5.70 32.86
C GLY B 495 -5.43 -6.80 32.22
N ASN B 496 -6.04 -7.80 31.56
CA ASN B 496 -5.32 -8.88 30.87
C ASN B 496 -4.58 -8.35 29.64
N GLN B 497 -5.20 -7.46 28.86
CA GLN B 497 -4.54 -6.67 27.80
C GLN B 497 -3.68 -5.53 28.37
N ILE B 498 -3.37 -5.57 29.68
CA ILE B 498 -2.28 -4.84 30.32
C ILE B 498 -1.48 -5.70 31.33
N ASN B 499 -1.49 -7.03 31.18
CA ASN B 499 -0.51 -7.92 31.82
C ASN B 499 0.94 -7.53 31.48
N THR B 500 1.11 -6.72 30.44
CA THR B 500 2.35 -6.12 29.95
C THR B 500 2.87 -4.96 30.82
N GLU B 501 2.06 -4.36 31.70
CA GLU B 501 2.46 -3.16 32.45
C GLU B 501 3.22 -3.42 33.78
N LYS B 502 3.93 -2.37 34.24
CA LYS B 502 5.01 -2.40 35.25
C LYS B 502 4.46 -2.41 36.68
N ARG B 503 4.80 -1.39 37.50
CA ARG B 503 4.12 -1.10 38.77
C ARG B 503 2.70 -0.56 38.57
N PHE B 504 2.34 -0.20 37.34
CA PHE B 504 0.97 -0.24 36.83
C PHE B 504 0.53 -1.72 36.88
N THR B 505 -0.10 -2.17 37.98
CA THR B 505 -0.10 -3.60 38.36
C THR B 505 -1.40 -4.11 39.00
N ALA B 506 -1.57 -5.45 39.05
CA ALA B 506 -2.80 -6.14 39.44
C ALA B 506 -2.60 -7.62 39.88
N GLU B 507 -3.64 -8.26 40.44
CA GLU B 507 -3.71 -9.72 40.68
C GLU B 507 -5.11 -10.32 40.37
N LEU B 508 -5.16 -11.50 39.74
CA LEU B 508 -6.38 -12.25 39.37
C LEU B 508 -7.24 -12.64 40.59
N ARG B 509 -8.29 -11.84 40.87
CA ARG B 509 -9.18 -11.92 42.03
C ARG B 509 -10.57 -11.38 41.67
N SER B 510 -11.63 -11.79 42.36
CA SER B 510 -13.02 -11.32 42.13
C SER B 510 -13.93 -11.61 43.34
N GLN B 511 -15.09 -10.94 43.46
CA GLN B 511 -16.05 -11.18 44.56
C GLN B 511 -17.51 -10.84 44.21
N LEU B 512 -18.48 -11.39 44.96
CA LEU B 512 -19.92 -11.30 44.68
C LEU B 512 -20.57 -9.98 45.09
N GLY B 513 -21.28 -9.38 44.15
CA GLY B 513 -21.92 -8.06 44.31
C GLY B 513 -23.25 -8.07 45.04
N VAL B 514 -23.85 -6.88 45.20
CA VAL B 514 -25.25 -6.72 45.60
C VAL B 514 -26.14 -7.53 44.66
N LEU B 515 -27.09 -8.30 45.21
CA LEU B 515 -27.81 -9.28 44.39
C LEU B 515 -28.74 -8.66 43.33
N PRO B 516 -29.52 -7.60 43.60
CA PRO B 516 -30.21 -6.87 42.54
C PRO B 516 -29.20 -6.07 41.70
N SER B 517 -29.02 -6.41 40.41
CA SER B 517 -28.00 -5.82 39.53
C SER B 517 -28.51 -4.62 38.69
N TYR B 518 -28.58 -3.45 39.36
CA TYR B 518 -28.71 -2.11 38.76
C TYR B 518 -27.85 -1.08 39.50
N THR B 519 -27.54 0.04 38.85
CA THR B 519 -26.45 0.93 39.26
C THR B 519 -26.52 1.37 40.72
N GLN B 520 -27.64 1.92 41.18
CA GLN B 520 -27.63 2.69 42.42
C GLN B 520 -27.51 1.83 43.69
N LEU B 521 -27.93 0.57 43.69
CA LEU B 521 -27.68 -0.32 44.83
C LEU B 521 -26.21 -0.75 44.90
N GLY B 522 -25.55 -0.90 43.75
CA GLY B 522 -24.11 -1.03 43.70
C GLY B 522 -23.43 0.20 44.32
N MET B 523 -23.90 1.41 43.98
CA MET B 523 -23.39 2.66 44.58
C MET B 523 -23.58 2.71 46.10
N ALA B 524 -24.77 2.38 46.61
CA ALA B 524 -25.11 2.49 48.02
C ALA B 524 -24.15 1.70 48.90
N ALA B 525 -23.88 0.44 48.53
CA ALA B 525 -22.94 -0.42 49.24
C ALA B 525 -21.49 0.10 49.22
N LEU B 526 -21.20 1.18 48.49
CA LEU B 526 -19.88 1.78 48.33
C LEU B 526 -19.82 3.25 48.75
N LEU B 527 -20.97 3.95 48.84
CA LEU B 527 -21.07 5.24 49.51
C LEU B 527 -20.41 5.14 50.88
N PRO B 528 -19.53 6.08 51.29
CA PRO B 528 -18.66 5.82 52.42
C PRO B 528 -19.50 5.78 53.68
N HIS B 529 -19.32 4.74 54.49
CA HIS B 529 -20.31 4.38 55.49
C HIS B 529 -19.82 3.52 56.66
N ASP B 530 -20.61 3.58 57.72
CA ASP B 530 -20.76 2.51 58.69
C ASP B 530 -22.10 1.76 58.54
N GLU B 531 -23.10 2.34 57.86
CA GLU B 531 -24.35 1.66 57.51
C GLU B 531 -24.90 2.12 56.14
N ILE B 532 -25.60 1.23 55.42
CA ILE B 532 -26.12 1.51 54.07
C ILE B 532 -27.64 1.66 54.11
N CYS B 533 -28.15 2.73 53.52
CA CYS B 533 -29.51 3.20 53.69
C CYS B 533 -30.35 3.02 52.42
N TYR B 534 -31.44 2.26 52.53
CA TYR B 534 -32.63 2.47 51.69
C TYR B 534 -33.62 3.27 52.53
N GLN B 535 -34.23 4.32 51.95
CA GLN B 535 -35.25 5.13 52.62
C GLN B 535 -36.39 5.45 51.65
N PRO B 536 -37.65 5.56 52.14
CA PRO B 536 -38.77 6.08 51.37
C PRO B 536 -38.51 7.46 50.75
N GLY B 537 -39.24 7.77 49.69
CA GLY B 537 -39.12 9.03 48.93
C GLY B 537 -38.06 9.01 47.82
N SER B 538 -37.03 8.17 47.93
CA SER B 538 -36.01 7.99 46.89
C SER B 538 -36.28 6.82 45.93
N GLY B 539 -36.98 5.76 46.35
CA GLY B 539 -37.35 4.63 45.49
C GLY B 539 -36.11 3.89 44.96
N ASP B 540 -35.86 3.99 43.64
CA ASP B 540 -34.66 3.43 43.01
C ASP B 540 -33.39 4.31 43.19
N ILE B 541 -33.48 5.50 43.78
CA ILE B 541 -32.35 6.25 44.33
C ILE B 541 -32.08 5.77 45.77
N VAL B 542 -30.82 5.80 46.23
CA VAL B 542 -30.36 5.08 47.43
C VAL B 542 -29.40 5.94 48.28
N TYR B 543 -28.91 5.46 49.42
CA TYR B 543 -28.05 6.20 50.36
C TYR B 543 -27.03 5.29 51.09
N ALA B 544 -26.03 5.88 51.74
CA ALA B 544 -25.36 5.27 52.88
C ALA B 544 -24.95 6.34 53.90
N ASP B 545 -24.87 5.96 55.16
CA ASP B 545 -24.91 6.88 56.30
C ASP B 545 -26.00 7.97 56.14
N GLY B 546 -27.14 7.60 55.53
CA GLY B 546 -28.25 8.51 55.24
C GLY B 546 -27.99 9.60 54.18
N LEU B 547 -26.90 9.52 53.40
CA LEU B 547 -26.60 10.46 52.30
C LEU B 547 -26.58 9.77 50.94
N SER B 548 -27.07 10.46 49.90
CA SER B 548 -27.69 9.82 48.73
C SER B 548 -26.84 9.73 47.46
N THR B 549 -27.07 8.67 46.69
CA THR B 549 -26.44 8.32 45.41
C THR B 549 -26.68 9.30 44.24
N SER B 550 -27.58 10.30 44.35
CA SER B 550 -27.95 11.17 43.22
C SER B 550 -28.13 12.65 43.60
N GLY B 551 -27.96 13.54 42.61
CA GLY B 551 -28.04 15.01 42.76
C GLY B 551 -26.72 15.61 43.26
N THR B 552 -26.13 16.51 42.49
CA THR B 552 -24.75 16.99 42.68
C THR B 552 -24.42 17.54 44.09
N PRO B 553 -25.25 18.40 44.72
CA PRO B 553 -24.98 18.89 46.08
C PRO B 553 -24.95 17.76 47.12
N ASN B 554 -25.86 16.79 46.98
CA ASN B 554 -25.91 15.62 47.85
C ASN B 554 -24.67 14.76 47.64
N ARG B 555 -24.31 14.56 46.36
CA ARG B 555 -23.20 13.72 45.91
C ARG B 555 -21.84 14.16 46.44
N ASP B 556 -21.52 15.46 46.48
CA ASP B 556 -20.29 15.89 47.16
C ASP B 556 -20.40 15.80 48.69
N THR B 557 -21.62 15.84 49.23
CA THR B 557 -21.87 15.85 50.68
C THR B 557 -21.80 14.48 51.35
N ILE B 558 -22.11 13.36 50.65
CA ILE B 558 -22.00 11.98 51.17
C ILE B 558 -20.64 11.73 51.86
N LEU B 559 -19.64 12.41 51.33
CA LEU B 559 -18.23 12.15 51.47
C LEU B 559 -17.60 12.99 52.60
N LYS B 560 -18.24 14.10 52.97
CA LYS B 560 -17.76 15.07 53.96
C LYS B 560 -17.64 14.45 55.36
N LYS B 561 -18.42 13.40 55.65
CA LYS B 561 -18.25 12.51 56.81
C LYS B 561 -16.87 11.82 56.86
N TYR B 562 -16.18 11.82 55.73
CA TYR B 562 -14.85 11.31 55.47
C TYR B 562 -14.03 12.39 54.74
N LYS B 563 -14.29 13.65 55.11
CA LYS B 563 -13.71 14.89 54.60
C LYS B 563 -13.93 15.19 53.10
N GLY B 564 -14.61 14.33 52.35
CA GLY B 564 -14.61 14.33 50.89
C GLY B 564 -15.47 15.32 50.11
N MET B 565 -15.32 15.24 48.79
CA MET B 565 -16.03 15.97 47.71
C MET B 565 -16.16 15.10 46.44
N ALA B 566 -17.05 15.47 45.50
CA ALA B 566 -17.30 14.74 44.26
C ALA B 566 -17.26 15.62 42.98
N VAL B 567 -17.00 15.03 41.81
CA VAL B 567 -17.04 15.72 40.50
C VAL B 567 -17.73 14.90 39.39
N LYS B 568 -18.46 15.57 38.50
CA LYS B 568 -19.27 14.98 37.42
C LYS B 568 -18.45 14.22 36.37
N SER B 569 -19.11 13.35 35.60
CA SER B 569 -18.61 12.88 34.29
C SER B 569 -18.50 13.99 33.23
N ASP B 570 -19.12 15.14 33.48
CA ASP B 570 -18.95 16.37 32.70
C ASP B 570 -17.60 17.08 32.95
N ASP B 571 -16.87 16.72 34.02
CA ASP B 571 -15.78 17.54 34.56
C ASP B 571 -14.50 16.77 34.93
N LEU B 572 -14.56 15.54 35.44
CA LEU B 572 -13.40 14.77 35.96
C LEU B 572 -12.21 14.64 35.00
N LEU B 573 -12.55 14.69 33.72
CA LEU B 573 -11.90 14.07 32.58
C LEU B 573 -10.39 14.31 32.52
N LYS B 574 -10.02 15.57 32.72
CA LYS B 574 -8.67 16.02 33.01
C LYS B 574 -8.71 17.34 33.78
N TRP B 575 -9.47 17.28 34.88
CA TRP B 575 -10.01 18.39 35.66
C TRP B 575 -8.98 19.36 36.25
N LYS B 576 -8.56 20.34 35.44
CA LYS B 576 -7.87 21.60 35.81
C LYS B 576 -6.49 21.43 36.49
N ASN B 577 -5.53 22.32 36.19
CA ASN B 577 -4.11 22.06 36.44
C ASN B 577 -3.60 22.22 37.88
N GLN B 578 -2.67 23.15 38.14
CA GLN B 578 -1.81 23.05 39.33
C GLN B 578 -2.57 23.30 40.64
N GLN B 579 -3.75 23.93 40.60
CA GLN B 579 -4.65 24.09 41.75
C GLN B 579 -5.11 22.76 42.35
N GLY B 580 -4.96 21.64 41.63
CA GLY B 580 -5.30 20.31 42.10
C GLY B 580 -4.50 19.85 43.32
N ARG B 581 -3.38 20.53 43.63
CA ARG B 581 -2.63 20.35 44.88
C ARG B 581 -3.44 20.68 46.15
N ASP B 582 -4.45 21.53 46.05
CA ASP B 582 -4.91 22.32 47.21
C ASP B 582 -6.38 22.07 47.61
N LEU B 583 -7.29 21.96 46.64
CA LEU B 583 -8.77 21.89 46.84
C LEU B 583 -9.30 20.64 47.59
N ILE B 584 -8.42 19.82 48.17
CA ILE B 584 -8.68 18.42 48.51
C ILE B 584 -8.00 17.90 49.79
N ARG B 585 -7.08 18.64 50.40
CA ARG B 585 -6.00 18.09 51.25
C ARG B 585 -6.40 17.42 52.58
N ASP B 586 -7.67 17.34 52.89
CA ASP B 586 -8.16 16.58 54.06
C ASP B 586 -8.91 15.30 53.66
N TYR B 587 -9.31 15.20 52.39
CA TYR B 587 -10.44 14.41 51.97
C TYR B 587 -10.12 12.92 52.01
N GLU B 588 -10.43 12.21 53.10
CA GLU B 588 -10.28 10.75 53.20
C GLU B 588 -10.98 10.00 52.06
N VAL B 589 -11.94 10.65 51.42
CA VAL B 589 -12.72 10.17 50.28
C VAL B 589 -12.77 11.24 49.19
N VAL B 590 -12.57 10.91 47.92
CA VAL B 590 -12.88 11.85 46.82
C VAL B 590 -13.45 11.13 45.60
N TYR B 591 -14.47 11.71 44.98
CA TYR B 591 -15.36 11.03 44.03
C TYR B 591 -15.36 11.65 42.65
N ILE B 592 -15.55 10.80 41.65
CA ILE B 592 -15.80 11.14 40.26
C ILE B 592 -16.96 10.29 39.74
N TRP B 593 -17.97 10.85 39.10
CA TRP B 593 -19.03 10.08 38.45
C TRP B 593 -18.67 9.72 36.99
N HIS B 594 -19.24 8.64 36.42
CA HIS B 594 -18.76 8.03 35.16
C HIS B 594 -19.86 7.14 34.53
N ASN B 595 -20.16 7.23 33.22
CA ASN B 595 -21.46 6.73 32.73
C ASN B 595 -21.63 6.34 31.25
N THR B 596 -20.58 6.16 30.44
CA THR B 596 -20.74 5.95 28.97
C THR B 596 -21.68 4.79 28.61
N ILE B 597 -21.55 3.61 29.25
CA ILE B 597 -22.40 2.46 28.86
C ILE B 597 -23.82 2.61 29.41
N ASP B 598 -24.01 3.17 30.62
CA ASP B 598 -25.36 3.44 31.11
C ASP B 598 -26.11 4.43 30.20
N ALA B 599 -25.41 5.43 29.66
CA ALA B 599 -25.95 6.35 28.66
C ALA B 599 -26.26 5.69 27.29
N MET B 600 -25.79 4.46 27.02
CA MET B 600 -26.25 3.61 25.91
C MET B 600 -27.42 2.69 26.31
N GLY B 601 -27.65 2.47 27.61
CA GLY B 601 -28.60 1.49 28.15
C GLY B 601 -30.05 1.99 28.24
N ASP B 602 -30.40 2.68 29.33
CA ASP B 602 -31.77 3.21 29.54
C ASP B 602 -32.15 4.28 28.50
N SER B 603 -31.17 4.81 27.77
CA SER B 603 -31.33 5.33 26.41
C SER B 603 -31.77 4.18 25.48
N ALA B 604 -33.07 3.88 25.44
CA ALA B 604 -33.61 2.69 24.80
C ALA B 604 -33.28 2.57 23.29
N SER B 605 -33.06 3.68 22.59
CA SER B 605 -32.62 3.68 21.19
C SER B 605 -31.25 3.02 20.98
N THR B 606 -30.42 2.96 22.02
CA THR B 606 -29.07 2.39 21.98
C THR B 606 -28.96 1.02 22.66
N GLU B 607 -30.05 0.46 23.22
CA GLU B 607 -30.02 -0.89 23.80
C GLU B 607 -29.76 -1.95 22.71
N GLU B 608 -30.47 -1.83 21.59
CA GLU B 608 -30.23 -2.61 20.37
C GLU B 608 -28.83 -2.35 19.78
N LYS B 609 -28.19 -1.26 20.22
CA LYS B 609 -26.86 -0.80 19.83
C LYS B 609 -25.85 -1.03 20.96
N THR B 610 -26.05 -2.01 21.84
CA THR B 610 -25.05 -2.28 22.87
C THR B 610 -23.81 -2.99 22.30
N PHE B 611 -23.87 -3.56 21.09
CA PHE B 611 -22.65 -3.82 20.32
C PHE B 611 -21.90 -2.52 19.96
N GLU B 612 -22.63 -1.42 19.77
CA GLU B 612 -22.01 -0.09 19.64
C GLU B 612 -21.51 0.46 20.98
N ALA B 613 -21.99 0.01 22.14
CA ALA B 613 -21.26 0.22 23.40
C ALA B 613 -19.97 -0.62 23.40
N CYS B 614 -20.06 -1.88 22.97
CA CYS B 614 -18.91 -2.74 22.63
C CYS B 614 -18.00 -2.16 21.53
N ARG B 615 -18.34 -1.01 20.95
CA ARG B 615 -17.46 -0.17 20.13
C ARG B 615 -17.08 1.09 20.91
N ASN B 616 -17.98 2.04 21.05
CA ASN B 616 -17.71 3.39 21.58
C ASN B 616 -17.19 3.36 23.02
N ALA B 617 -17.86 2.63 23.91
CA ALA B 617 -17.37 2.48 25.27
C ALA B 617 -16.11 1.61 25.31
N VAL B 618 -16.01 0.57 24.49
CA VAL B 618 -14.77 -0.23 24.44
C VAL B 618 -13.54 0.58 24.01
N VAL B 619 -13.68 1.55 23.11
CA VAL B 619 -12.62 2.51 22.72
C VAL B 619 -12.23 3.48 23.87
N GLU B 620 -13.10 3.62 24.86
CA GLU B 620 -12.80 4.28 26.12
C GLU B 620 -12.20 3.32 27.18
N LEU B 621 -12.55 2.04 27.17
CA LEU B 621 -12.49 1.23 28.37
C LEU B 621 -11.33 0.23 28.45
N LYS B 622 -10.41 0.19 27.49
CA LYS B 622 -9.11 -0.48 27.63
C LYS B 622 -8.07 0.45 28.25
N ASP B 623 -8.54 1.47 28.97
CA ASP B 623 -7.82 2.72 29.09
C ASP B 623 -7.94 3.38 30.48
N LEU B 624 -8.96 4.19 30.76
CA LEU B 624 -9.30 4.69 32.11
C LEU B 624 -8.38 5.72 32.85
N VAL B 625 -7.26 5.30 33.48
CA VAL B 625 -6.65 5.97 34.69
C VAL B 625 -6.15 7.41 34.59
N THR B 626 -4.86 7.61 34.32
CA THR B 626 -4.07 8.79 34.66
C THR B 626 -3.92 9.13 36.14
N ARG B 627 -2.92 9.97 36.49
CA ARG B 627 -2.77 10.60 37.81
C ARG B 627 -2.33 9.70 38.96
N VAL B 628 -1.68 8.56 38.68
CA VAL B 628 -1.37 7.57 39.73
C VAL B 628 0.03 6.96 39.73
N ILE B 629 0.57 6.51 38.60
CA ILE B 629 1.83 5.74 38.65
C ILE B 629 2.99 6.53 39.29
N ASN B 630 3.93 5.84 39.93
CA ASN B 630 5.00 6.41 40.75
C ASN B 630 5.70 7.63 40.13
N ARG B 631 5.40 8.82 40.67
CA ARG B 631 6.08 10.10 40.44
C ARG B 631 5.75 11.08 41.57
N LEU B 632 4.78 11.98 41.36
CA LEU B 632 4.29 12.98 42.33
C LEU B 632 3.29 12.39 43.35
N HIS B 633 3.49 11.14 43.77
CA HIS B 633 2.73 10.40 44.78
C HIS B 633 1.22 10.17 44.47
N GLY B 634 0.86 8.96 44.03
CA GLY B 634 -0.52 8.43 43.93
C GLY B 634 -0.53 6.89 44.01
N THR B 635 -1.65 6.21 44.33
CA THR B 635 -1.55 4.82 44.86
C THR B 635 -2.41 3.69 44.26
N ARG B 636 -3.75 3.76 44.09
CA ARG B 636 -4.59 2.55 43.86
C ARG B 636 -5.70 2.72 42.82
N ILE B 637 -6.27 1.60 42.34
CA ILE B 637 -7.61 1.60 41.76
C ILE B 637 -8.65 2.06 42.79
N ILE B 638 -9.65 2.81 42.35
CA ILE B 638 -10.94 2.77 43.04
C ILE B 638 -12.03 3.01 42.01
N VAL B 639 -12.45 1.91 41.37
CA VAL B 639 -13.72 1.68 40.68
C VAL B 639 -14.02 0.19 40.81
N THR B 640 -15.28 -0.23 40.83
CA THR B 640 -15.68 -1.64 40.62
C THR B 640 -17.13 -1.75 40.20
N ALA B 641 -17.55 -2.92 39.71
CA ALA B 641 -18.83 -3.09 39.04
C ALA B 641 -20.02 -2.80 39.93
N ASP B 642 -20.78 -1.78 39.56
CA ASP B 642 -22.14 -1.60 40.05
C ASP B 642 -23.00 -2.74 39.55
N HIS B 643 -23.01 -3.03 38.24
CA HIS B 643 -23.73 -4.14 37.63
C HIS B 643 -23.13 -4.57 36.29
N GLY B 644 -23.21 -5.87 35.98
CA GLY B 644 -23.00 -6.39 34.63
C GLY B 644 -24.22 -6.19 33.73
N PHE B 645 -24.11 -6.53 32.44
CA PHE B 645 -25.19 -6.49 31.47
C PHE B 645 -24.92 -7.41 30.28
N LEU B 646 -25.93 -7.62 29.44
CA LEU B 646 -25.87 -8.42 28.22
C LEU B 646 -25.86 -7.58 26.93
N PHE B 647 -25.53 -8.21 25.81
CA PHE B 647 -26.06 -7.79 24.50
C PHE B 647 -26.29 -8.99 23.58
N GLN B 648 -27.20 -8.87 22.61
CA GLN B 648 -27.42 -9.84 21.54
C GLN B 648 -27.93 -9.15 20.26
N GLN B 649 -27.38 -9.53 19.12
CA GLN B 649 -27.54 -8.96 17.79
C GLN B 649 -28.94 -9.12 17.15
N GLN B 650 -29.90 -9.82 17.77
CA GLN B 650 -31.24 -10.05 17.21
C GLN B 650 -32.33 -9.98 18.28
N PRO B 651 -33.60 -9.86 17.86
CA PRO B 651 -34.75 -10.22 18.67
C PRO B 651 -34.60 -11.55 19.41
N LEU B 652 -35.22 -11.58 20.58
CA LEU B 652 -35.01 -12.55 21.65
C LEU B 652 -35.51 -13.97 21.30
N SER B 653 -34.91 -14.97 21.92
CA SER B 653 -35.43 -16.34 21.96
C SER B 653 -36.61 -16.49 22.95
N GLY B 654 -37.20 -17.69 23.05
CA GLY B 654 -38.11 -18.03 24.16
C GLY B 654 -37.41 -17.99 25.53
N GLN B 655 -36.21 -18.57 25.62
CA GLN B 655 -35.40 -18.57 26.85
C GLN B 655 -34.97 -17.18 27.29
N ASP B 656 -34.89 -16.20 26.37
CA ASP B 656 -34.63 -14.82 26.74
C ASP B 656 -35.77 -14.17 27.53
N LYS B 657 -37.00 -14.72 27.56
CA LYS B 657 -38.10 -14.03 28.24
C LYS B 657 -39.24 -14.89 28.82
N THR B 658 -38.92 -15.92 29.60
CA THR B 658 -39.88 -16.34 30.66
C THR B 658 -39.81 -15.30 31.80
N THR B 659 -40.81 -15.21 32.67
CA THR B 659 -41.07 -13.93 33.38
C THR B 659 -41.59 -14.14 34.82
N LEU B 660 -41.94 -13.03 35.45
CA LEU B 660 -42.36 -12.79 36.84
C LEU B 660 -43.36 -13.78 37.44
N GLN B 661 -43.31 -13.87 38.76
CA GLN B 661 -44.45 -14.22 39.61
C GLN B 661 -45.07 -12.92 40.18
N ILE B 662 -45.77 -12.94 41.32
CA ILE B 662 -46.38 -11.74 41.91
C ILE B 662 -45.31 -10.68 42.26
N LYS B 663 -45.34 -9.54 41.58
CA LYS B 663 -44.48 -8.36 41.82
C LYS B 663 -44.69 -7.82 43.26
N PRO B 664 -43.63 -7.49 44.01
CA PRO B 664 -43.73 -7.05 45.40
C PRO B 664 -44.30 -5.63 45.54
N ASP B 665 -45.04 -5.38 46.63
CA ASP B 665 -45.69 -4.07 46.88
C ASP B 665 -44.68 -2.94 47.13
N ASN B 666 -43.72 -3.15 48.03
CA ASN B 666 -42.53 -2.31 48.15
C ASN B 666 -41.51 -2.66 47.06
N THR B 667 -41.91 -2.46 45.79
CA THR B 667 -41.00 -2.51 44.65
C THR B 667 -39.98 -1.39 44.80
N ILE B 668 -38.73 -1.73 45.11
CA ILE B 668 -37.69 -0.71 45.34
C ILE B 668 -37.07 -0.24 44.00
N LYS B 669 -36.93 -1.19 43.06
CA LYS B 669 -36.95 -0.93 41.61
C LYS B 669 -37.54 -2.18 40.92
N ASN B 670 -38.26 -2.00 39.80
CA ASN B 670 -38.63 -3.05 38.86
C ASN B 670 -38.01 -2.74 37.49
N HIS B 671 -37.66 -3.78 36.75
CA HIS B 671 -36.68 -3.62 35.70
C HIS B 671 -36.70 -4.73 34.66
N LYS B 672 -36.05 -4.51 33.51
CA LYS B 672 -35.90 -5.44 32.38
C LYS B 672 -35.42 -6.84 32.71
N ARG B 673 -34.95 -7.05 33.93
CA ARG B 673 -34.36 -8.30 34.38
C ARG B 673 -34.41 -8.51 35.91
N PHE B 674 -35.14 -7.68 36.68
CA PHE B 674 -35.37 -7.94 38.12
C PHE B 674 -36.49 -7.07 38.73
N ILE B 675 -36.91 -7.42 39.94
CA ILE B 675 -37.60 -6.51 40.86
C ILE B 675 -37.03 -6.72 42.28
N ILE B 676 -36.82 -5.65 43.06
CA ILE B 676 -36.54 -5.77 44.50
C ILE B 676 -37.85 -5.64 45.24
N GLY B 677 -38.14 -6.50 46.22
CA GLY B 677 -39.17 -6.20 47.19
C GLY B 677 -39.53 -7.40 48.07
N HIS B 678 -40.25 -7.14 49.15
CA HIS B 678 -40.38 -8.09 50.26
C HIS B 678 -41.13 -9.40 49.89
N GLN B 679 -40.74 -10.49 50.56
CA GLN B 679 -41.42 -11.79 50.63
C GLN B 679 -41.65 -12.50 49.27
N LEU B 680 -40.59 -13.15 48.77
CA LEU B 680 -40.50 -13.80 47.46
C LEU B 680 -39.53 -15.02 47.53
N PRO B 681 -40.02 -16.26 47.67
CA PRO B 681 -39.27 -17.51 47.45
C PRO B 681 -39.45 -18.07 46.02
N ALA B 682 -38.46 -18.80 45.48
CA ALA B 682 -38.28 -19.04 44.05
C ALA B 682 -39.38 -19.85 43.31
N ASP B 683 -39.37 -19.81 41.96
CA ASP B 683 -40.34 -20.34 40.99
C ASP B 683 -39.64 -20.90 39.73
N ASP B 684 -40.24 -21.86 39.01
CA ASP B 684 -39.70 -22.54 37.80
C ASP B 684 -38.84 -21.67 36.85
N PHE B 685 -39.23 -20.41 36.64
CA PHE B 685 -38.42 -19.43 35.92
C PHE B 685 -38.42 -18.05 36.58
N CYS B 686 -38.62 -17.94 37.89
CA CYS B 686 -38.08 -16.86 38.71
C CYS B 686 -37.23 -17.27 39.91
N TRP B 687 -35.96 -16.85 39.99
CA TRP B 687 -35.24 -16.85 41.25
C TRP B 687 -35.85 -15.81 42.17
N LYS B 688 -36.02 -16.16 43.45
CA LYS B 688 -36.56 -15.25 44.44
C LYS B 688 -36.06 -15.56 45.85
N GLY B 689 -35.50 -14.55 46.52
CA GLY B 689 -34.77 -14.73 47.77
C GLY B 689 -34.56 -13.45 48.56
N LYS B 690 -34.07 -13.57 49.80
CA LYS B 690 -33.91 -12.51 50.80
C LYS B 690 -32.77 -11.56 50.47
N VAL B 691 -33.10 -10.50 49.74
CA VAL B 691 -32.28 -9.28 49.73
C VAL B 691 -31.89 -8.87 51.14
N ALA B 692 -32.76 -9.01 52.13
CA ALA B 692 -32.44 -8.70 53.52
C ALA B 692 -31.31 -9.56 54.11
N ASP B 693 -31.15 -10.82 53.67
CA ASP B 693 -29.99 -11.62 54.07
C ASP B 693 -28.73 -11.08 53.38
N THR B 694 -28.86 -10.82 52.08
CA THR B 694 -27.70 -10.69 51.21
C THR B 694 -27.17 -9.27 51.08
N ALA B 695 -27.99 -8.24 51.28
CA ALA B 695 -27.66 -6.86 50.91
C ALA B 695 -26.96 -6.03 51.98
N GLY B 696 -27.15 -6.33 53.27
CA GLY B 696 -26.61 -5.54 54.39
C GLY B 696 -27.18 -4.12 54.53
N VAL B 697 -27.84 -3.59 53.49
CA VAL B 697 -28.64 -2.36 53.52
C VAL B 697 -29.77 -2.50 54.53
N SER B 698 -30.22 -1.39 55.11
CA SER B 698 -31.49 -1.32 55.83
C SER B 698 -32.68 -1.55 54.89
N ASP B 699 -32.99 -2.83 54.61
CA ASP B 699 -33.96 -3.29 53.61
C ASP B 699 -34.53 -4.69 53.96
N ASN B 700 -35.86 -4.79 54.11
CA ASN B 700 -36.57 -6.04 54.41
C ASN B 700 -36.62 -7.05 53.24
N SER B 701 -36.22 -6.63 52.04
CA SER B 701 -36.72 -7.24 50.81
C SER B 701 -36.31 -8.68 50.55
N GLU B 702 -37.12 -9.31 49.70
CA GLU B 702 -36.65 -10.37 48.85
C GLU B 702 -36.43 -9.80 47.45
N PHE B 703 -36.21 -10.66 46.47
CA PHE B 703 -36.05 -10.26 45.09
C PHE B 703 -36.95 -11.11 44.20
N LEU B 704 -37.32 -10.53 43.07
CA LEU B 704 -37.81 -11.26 41.92
C LEU B 704 -36.75 -11.14 40.83
N ILE B 705 -36.35 -12.27 40.31
CA ILE B 705 -35.35 -12.44 39.27
C ILE B 705 -35.89 -13.53 38.35
N PRO B 706 -35.82 -13.44 37.04
CA PRO B 706 -36.10 -14.61 36.21
C PRO B 706 -35.05 -15.70 36.48
N LYS B 707 -35.41 -16.95 36.79
CA LYS B 707 -34.42 -18.01 36.75
C LYS B 707 -33.93 -18.13 35.31
N GLY B 708 -32.65 -18.27 35.10
CA GLY B 708 -32.06 -18.36 33.77
C GLY B 708 -32.25 -17.09 32.95
N ILE B 709 -31.83 -17.10 31.68
CA ILE B 709 -31.71 -15.91 30.83
C ILE B 709 -33.03 -15.30 30.40
N GLN B 710 -34.09 -15.75 31.04
CA GLN B 710 -35.44 -15.26 31.00
C GLN B 710 -35.48 -13.79 31.52
N ARG B 711 -36.56 -13.01 31.31
CA ARG B 711 -36.59 -11.54 31.58
C ARG B 711 -37.95 -10.93 31.94
N PHE B 712 -37.90 -9.68 32.43
CA PHE B 712 -38.98 -8.90 33.04
C PHE B 712 -39.29 -7.60 32.25
N HIS B 713 -40.17 -6.74 32.79
CA HIS B 713 -40.62 -5.47 32.20
C HIS B 713 -39.46 -4.66 31.61
N PHE B 714 -39.37 -4.55 30.28
CA PHE B 714 -38.19 -4.07 29.54
C PHE B 714 -37.89 -2.56 29.67
N SER B 715 -37.82 -2.02 30.89
CA SER B 715 -37.43 -0.64 31.16
C SER B 715 -35.96 -0.40 30.76
N GLY B 716 -35.74 0.33 29.68
CA GLY B 716 -34.41 0.67 29.21
C GLY B 716 -33.61 -0.53 28.68
N GLY B 717 -34.25 -1.49 28.00
CA GLY B 717 -33.54 -2.60 27.33
C GLY B 717 -34.23 -3.96 27.38
N ALA B 718 -33.92 -4.79 26.38
CA ALA B 718 -34.43 -6.15 26.19
C ALA B 718 -33.38 -7.11 25.60
N ARG B 719 -32.63 -6.66 24.58
CA ARG B 719 -31.42 -7.30 24.05
C ARG B 719 -30.19 -6.94 24.89
N PHE B 720 -30.22 -5.76 25.52
CA PHE B 720 -29.43 -5.41 26.69
C PHE B 720 -30.31 -5.43 27.94
N VAL B 721 -29.95 -6.20 28.96
CA VAL B 721 -30.62 -6.20 30.26
C VAL B 721 -29.61 -6.45 31.39
N HIS B 722 -30.04 -6.15 32.62
CA HIS B 722 -29.31 -6.47 33.84
C HIS B 722 -30.29 -6.50 35.02
N GLY B 723 -30.01 -7.25 36.07
CA GLY B 723 -30.89 -7.29 37.23
C GLY B 723 -30.80 -8.53 38.10
N GLY B 724 -30.60 -9.67 37.45
CA GLY B 724 -30.72 -10.97 38.05
C GLY B 724 -29.42 -11.54 38.56
N ALA B 725 -29.47 -12.85 38.81
CA ALA B 725 -28.62 -13.53 39.76
C ALA B 725 -27.19 -13.80 39.31
N MET B 726 -26.83 -13.58 38.04
CA MET B 726 -25.67 -14.27 37.48
C MET B 726 -24.60 -13.35 36.89
N LEU B 727 -23.49 -13.92 36.44
CA LEU B 727 -22.23 -13.19 36.46
C LEU B 727 -21.95 -12.25 35.30
N GLN B 728 -22.67 -12.33 34.18
CA GLN B 728 -22.84 -11.16 33.33
C GLN B 728 -23.80 -10.13 33.96
N GLU B 729 -24.00 -10.18 35.27
CA GLU B 729 -24.78 -9.22 36.06
C GLU B 729 -24.18 -8.95 37.46
N VAL B 730 -23.56 -9.95 38.12
CA VAL B 730 -23.00 -9.85 39.48
C VAL B 730 -21.63 -10.49 39.70
N CYS B 731 -20.80 -10.63 38.66
CA CYS B 731 -19.36 -10.63 38.90
C CYS B 731 -18.88 -9.20 39.20
N VAL B 732 -18.25 -8.94 40.37
CA VAL B 732 -17.69 -7.61 40.71
C VAL B 732 -16.17 -7.70 40.78
N PRO B 733 -15.45 -6.86 40.02
CA PRO B 733 -14.01 -6.89 39.87
C PRO B 733 -13.34 -6.23 41.05
N VAL B 734 -13.25 -6.99 42.13
CA VAL B 734 -12.17 -6.85 43.11
C VAL B 734 -10.99 -7.69 42.62
N LEU B 735 -10.54 -7.43 41.38
CA LEU B 735 -9.18 -7.70 40.95
C LEU B 735 -8.29 -6.82 41.81
N GLN B 736 -7.16 -7.30 42.34
CA GLN B 736 -6.24 -6.34 42.96
C GLN B 736 -5.76 -5.44 41.84
N VAL B 737 -5.88 -4.12 41.94
CA VAL B 737 -5.46 -3.22 40.87
C VAL B 737 -4.92 -1.91 41.44
N LYS B 738 -3.98 -1.31 40.70
CA LYS B 738 -3.60 0.07 40.97
C LYS B 738 -3.66 1.21 39.91
N ALA B 739 -3.36 1.03 38.61
CA ALA B 739 -3.36 2.07 37.57
C ALA B 739 -3.43 1.44 36.16
N LEU B 740 -3.82 2.18 35.09
CA LEU B 740 -4.15 1.62 33.75
C LEU B 740 -3.63 2.46 32.55
N GLN B 741 -4.47 2.85 31.58
CA GLN B 741 -4.11 3.41 30.27
C GLN B 741 -5.02 4.54 29.70
N LYS B 742 -5.48 5.54 30.46
CA LYS B 742 -6.60 6.50 30.13
C LYS B 742 -6.96 6.77 28.65
N THR B 743 -8.24 6.58 28.36
CA THR B 743 -9.03 7.24 27.29
C THR B 743 -10.50 7.31 27.71
N ALA B 744 -10.99 6.39 28.53
CA ALA B 744 -12.28 6.57 29.19
C ALA B 744 -12.30 7.85 29.99
N ALA B 745 -13.35 8.64 29.82
CA ALA B 745 -13.61 9.84 30.61
C ALA B 745 -12.39 10.77 30.63
N GLU B 746 -12.14 11.42 29.49
CA GLU B 746 -10.88 12.11 29.18
C GLU B 746 -11.04 13.47 28.46
N LYS B 747 -12.17 13.73 27.78
CA LYS B 747 -12.25 14.77 26.72
C LYS B 747 -12.18 16.26 27.11
N GLN B 748 -13.13 16.78 27.91
CA GLN B 748 -13.51 18.21 27.82
C GLN B 748 -12.56 19.28 28.46
N PRO B 749 -12.07 19.15 29.71
CA PRO B 749 -11.12 20.11 30.31
C PRO B 749 -9.78 20.15 29.56
N GLN B 750 -8.95 21.18 29.75
CA GLN B 750 -7.75 21.36 28.92
C GLN B 750 -6.74 20.21 29.01
N ARG B 751 -6.14 19.94 30.19
CA ARG B 751 -5.14 18.85 30.34
C ARG B 751 -4.81 18.40 31.77
N ARG B 752 -4.81 19.29 32.76
CA ARG B 752 -4.18 19.10 34.08
C ARG B 752 -2.79 18.43 34.04
N PRO B 753 -1.78 19.01 33.37
CA PRO B 753 -0.42 18.46 33.32
C PRO B 753 0.19 18.41 34.72
N VAL B 754 -0.01 17.26 35.36
CA VAL B 754 0.07 17.03 36.82
C VAL B 754 -0.59 18.16 37.61
N ASP B 755 -0.23 18.24 38.87
CA ASP B 755 -0.18 19.45 39.65
C ASP B 755 1.08 19.26 40.50
N ILE B 756 1.69 20.34 40.98
CA ILE B 756 3.11 20.26 41.37
C ILE B 756 3.54 21.21 42.50
N VAL B 757 3.29 22.51 42.33
CA VAL B 757 3.79 23.60 43.20
C VAL B 757 3.40 23.47 44.69
N LYS B 758 4.17 24.17 45.53
CA LYS B 758 3.84 24.71 46.87
C LYS B 758 3.39 23.77 48.01
N HIS B 759 3.43 24.33 49.21
CA HIS B 759 2.59 24.01 50.38
C HIS B 759 2.38 25.31 51.21
N HIS B 760 1.89 26.35 50.54
CA HIS B 760 1.88 27.77 50.94
C HIS B 760 0.54 28.44 50.52
N PRO B 761 0.13 29.60 51.08
CA PRO B 761 -1.10 30.29 50.70
C PRO B 761 -1.01 30.88 49.28
N LEU B 762 -0.44 32.08 49.12
CA LEU B 762 0.26 32.48 47.89
C LEU B 762 1.55 31.65 47.78
N ILE B 763 2.22 31.55 46.63
CA ILE B 763 3.61 31.04 46.61
C ILE B 763 4.54 32.15 47.17
N LYS B 764 4.40 32.42 48.46
CA LYS B 764 5.09 33.48 49.19
C LYS B 764 6.05 32.87 50.21
N LEU B 765 7.27 33.38 50.20
CA LEU B 765 8.42 32.87 50.92
C LEU B 765 9.02 34.00 51.76
N VAL B 766 9.62 33.66 52.89
CA VAL B 766 10.01 34.63 53.95
C VAL B 766 11.38 34.36 54.58
N ASN B 767 11.88 33.12 54.56
CA ASN B 767 13.28 32.89 54.93
C ASN B 767 14.24 33.44 53.85
N ASN B 768 15.50 33.74 54.20
CA ASN B 768 16.47 34.27 53.23
C ASN B 768 16.77 33.28 52.10
N ILE B 769 16.73 31.98 52.43
CA ILE B 769 16.68 30.85 51.50
C ILE B 769 15.52 29.95 52.01
N ASP B 770 14.56 29.59 51.16
CA ASP B 770 13.25 29.11 51.65
C ASP B 770 12.61 28.00 50.83
N LYS B 771 11.80 27.18 51.49
CA LYS B 771 11.22 25.94 50.97
C LYS B 771 10.08 26.24 50.00
N VAL B 772 10.20 25.90 48.71
CA VAL B 772 9.04 25.66 47.84
C VAL B 772 8.58 24.22 48.05
N SER B 773 7.63 24.04 48.95
CA SER B 773 7.28 22.77 49.58
C SER B 773 6.37 21.87 48.74
N LEU B 774 6.64 21.73 47.44
CA LEU B 774 5.90 20.93 46.43
C LEU B 774 5.13 19.72 47.04
N LEU B 775 3.82 19.83 47.27
CA LEU B 775 3.02 18.82 47.99
C LEU B 775 2.61 17.64 47.09
N GLN B 776 3.38 16.56 47.03
CA GLN B 776 3.16 15.45 46.11
C GLN B 776 1.78 14.81 46.27
N THR B 777 0.94 15.01 45.24
CA THR B 777 -0.50 14.71 45.30
C THR B 777 -1.05 14.09 44.02
N HIS B 778 -0.52 14.45 42.85
CA HIS B 778 -1.05 13.97 41.57
C HIS B 778 0.07 13.73 40.57
N PRO B 779 0.51 12.47 40.44
CA PRO B 779 1.45 12.02 39.43
C PRO B 779 1.08 12.28 37.98
N VAL B 780 2.03 11.85 37.16
CA VAL B 780 1.91 11.49 35.76
C VAL B 780 0.68 10.61 35.48
N GLY B 781 0.84 9.30 35.37
CA GLY B 781 -0.15 8.48 34.67
C GLY B 781 -0.34 8.92 33.22
N GLU B 782 -1.32 8.33 32.55
CA GLU B 782 -1.39 8.15 31.10
C GLU B 782 -1.97 9.35 30.33
N LEU B 783 -1.66 10.57 30.76
CA LEU B 783 -2.07 11.87 30.20
C LEU B 783 -1.37 13.02 30.98
N TYR B 784 -1.33 12.91 32.30
CA TYR B 784 -0.57 13.82 33.13
C TYR B 784 0.96 13.67 33.13
N GLU B 785 1.77 14.64 33.56
CA GLU B 785 3.17 14.75 33.06
C GLU B 785 4.32 14.05 33.86
N PRO B 786 5.31 13.46 33.14
CA PRO B 786 6.63 13.09 33.69
C PRO B 786 7.66 14.23 33.69
N ARG B 787 7.28 15.43 33.24
CA ARG B 787 8.13 16.59 32.97
C ARG B 787 9.07 16.96 34.12
N THR B 788 10.37 17.04 33.84
CA THR B 788 11.35 17.65 34.75
C THR B 788 11.05 19.14 34.87
N LEU B 789 11.09 19.67 36.08
CA LEU B 789 10.61 21.00 36.39
C LEU B 789 11.79 21.93 36.62
N ASN B 790 11.90 22.98 35.81
CA ASN B 790 12.90 24.02 36.01
C ASN B 790 12.20 25.17 36.75
N ILE B 791 12.27 25.11 38.07
CA ILE B 791 11.50 25.94 39.00
C ILE B 791 12.29 27.21 39.31
N PHE B 792 11.77 28.38 38.94
CA PHE B 792 12.30 29.68 39.35
C PHE B 792 11.27 30.79 39.31
N ILE B 793 11.45 31.79 40.17
CA ILE B 793 10.55 32.92 40.28
C ILE B 793 10.88 33.97 39.22
N VAL B 794 9.82 34.59 38.70
CA VAL B 794 9.85 35.54 37.60
C VAL B 794 8.85 36.67 37.76
N ASP B 795 9.03 37.74 36.99
CA ASP B 795 7.95 38.68 36.66
C ASP B 795 6.94 38.10 35.66
N ASN B 796 5.97 38.92 35.24
CA ASN B 796 5.02 38.61 34.17
C ASN B 796 5.65 38.04 32.88
N ALA B 797 6.87 38.42 32.55
CA ALA B 797 7.53 38.14 31.27
C ALA B 797 8.68 37.12 31.39
N ASN B 798 8.63 36.22 32.38
CA ASN B 798 9.63 35.15 32.60
C ASN B 798 11.05 35.67 32.99
N ASN B 799 11.21 36.95 33.34
CA ASN B 799 12.50 37.47 33.80
C ASN B 799 12.80 37.03 35.23
N VAL B 800 14.01 36.49 35.47
CA VAL B 800 14.43 35.85 36.74
C VAL B 800 14.39 36.82 37.93
N VAL B 801 13.83 36.38 39.07
CA VAL B 801 13.98 37.04 40.39
C VAL B 801 14.26 36.04 41.54
N SER B 802 14.76 34.84 41.25
CA SER B 802 15.26 33.88 42.25
C SER B 802 16.33 32.95 41.67
N GLY B 803 17.04 32.23 42.54
CA GLY B 803 17.71 30.98 42.15
C GLY B 803 16.73 29.93 41.61
N LYS B 804 17.27 28.89 40.98
CA LYS B 804 16.53 27.96 40.11
C LYS B 804 16.83 26.50 40.47
N GLU B 805 15.80 25.66 40.50
CA GLU B 805 15.93 24.25 40.90
C GLU B 805 15.34 23.31 39.83
N ARG B 806 16.04 22.20 39.59
CA ARG B 806 15.69 21.23 38.54
C ARG B 806 15.22 19.92 39.16
N ILE B 807 13.94 19.59 38.98
CA ILE B 807 13.22 18.70 39.89
C ILE B 807 12.42 17.62 39.16
N CYS B 808 12.48 16.39 39.67
CA CYS B 808 11.74 15.22 39.19
C CYS B 808 11.59 14.17 40.33
N PHE B 809 10.70 13.19 40.19
CA PHE B 809 10.19 12.33 41.29
C PHE B 809 9.99 10.86 40.86
N ASP B 810 9.88 9.95 41.84
CA ASP B 810 9.66 8.51 41.64
C ASP B 810 8.97 7.89 42.87
N SER B 811 7.72 8.28 43.15
CA SER B 811 7.02 7.88 44.37
C SER B 811 5.50 7.78 44.21
N ASP B 812 4.89 6.89 44.99
CA ASP B 812 3.48 6.45 44.95
C ASP B 812 2.82 6.45 46.35
N ASN B 813 3.43 7.14 47.32
CA ASN B 813 3.12 7.10 48.76
C ASN B 813 1.73 7.67 49.12
N ASN B 814 1.13 7.15 50.19
CA ASN B 814 -0.27 7.40 50.55
C ASN B 814 -0.44 8.38 51.73
N THR B 815 -1.69 8.66 52.15
CA THR B 815 -2.09 9.68 53.14
C THR B 815 -1.75 11.11 52.67
N MET B 816 -2.74 11.88 52.21
CA MET B 816 -2.48 13.16 51.51
C MET B 816 -1.84 14.25 52.39
N GLU B 817 -1.96 14.15 53.70
CA GLU B 817 -1.34 15.03 54.69
C GLU B 817 0.20 14.86 54.79
N LYS B 818 0.75 13.77 54.22
CA LYS B 818 2.08 13.21 54.51
C LYS B 818 3.20 13.59 53.51
N ARG B 819 2.91 14.39 52.48
CA ARG B 819 3.64 14.32 51.17
C ARG B 819 4.34 15.59 50.66
N VAL B 820 4.83 16.48 51.52
CA VAL B 820 5.62 17.68 51.13
C VAL B 820 7.00 17.30 50.53
N ARG B 821 7.45 18.01 49.48
CA ARG B 821 8.89 18.13 49.13
C ARG B 821 9.35 19.58 49.17
N ASP B 822 10.29 19.87 50.06
CA ASP B 822 10.94 21.17 50.19
C ASP B 822 11.99 21.41 49.09
N VAL B 823 11.58 21.95 47.94
CA VAL B 823 12.50 22.48 46.92
C VAL B 823 12.96 23.87 47.35
N THR B 824 14.06 23.95 48.09
CA THR B 824 14.45 25.18 48.78
C THR B 824 15.13 26.18 47.82
N LEU B 825 14.37 27.20 47.37
CA LEU B 825 14.82 28.27 46.48
C LEU B 825 15.59 29.39 47.22
N LYS B 826 16.47 30.07 46.49
CA LYS B 826 17.35 31.15 46.96
C LYS B 826 16.79 32.49 46.45
N LEU B 827 16.66 33.51 47.31
CA LEU B 827 15.72 34.62 47.09
C LEU B 827 16.39 36.00 47.12
N ILE B 828 15.80 36.97 46.40
CA ILE B 828 16.42 38.27 46.09
C ILE B 828 15.59 39.44 46.66
N GLY B 829 15.58 39.55 47.99
CA GLY B 829 15.16 40.75 48.74
C GLY B 829 13.77 41.30 48.40
N ALA B 830 13.73 42.42 47.68
CA ALA B 830 12.53 43.20 47.37
C ALA B 830 12.52 43.79 45.94
N ASN B 831 13.16 43.11 44.97
CA ASN B 831 13.22 43.54 43.57
C ASN B 831 11.86 43.56 42.84
N PHE B 832 10.85 42.89 43.41
CA PHE B 832 9.50 42.72 42.87
C PHE B 832 8.76 44.07 42.77
N ASN B 833 8.45 44.52 41.54
CA ASN B 833 7.65 45.74 41.31
C ASN B 833 6.20 45.54 41.79
N ARG B 834 5.84 46.15 42.92
CA ARG B 834 4.55 45.91 43.62
C ARG B 834 3.29 46.37 42.86
N ARG B 835 3.42 47.13 41.76
CA ARG B 835 2.30 47.43 40.83
C ARG B 835 2.02 46.31 39.81
N ASN B 836 2.91 45.33 39.68
CA ASN B 836 2.88 44.27 38.67
C ASN B 836 2.87 42.87 39.32
N GLU B 837 2.33 41.88 38.62
CA GLU B 837 2.24 40.50 39.09
C GLU B 837 3.53 39.70 38.82
N TYR B 838 3.81 38.73 39.70
CA TYR B 838 4.99 37.87 39.69
C TYR B 838 4.60 36.40 39.93
N TRP B 839 5.47 35.47 39.53
CA TRP B 839 5.10 34.06 39.40
C TRP B 839 6.30 33.13 39.62
N LEU B 840 6.05 31.89 40.03
CA LEU B 840 7.04 30.81 39.99
C LEU B 840 6.90 30.10 38.64
N ILE B 841 7.79 30.38 37.69
CA ILE B 841 7.89 29.57 36.47
C ILE B 841 8.42 28.19 36.84
N LEU B 842 7.64 27.18 36.48
CA LEU B 842 8.12 25.84 36.23
C LEU B 842 8.26 25.72 34.72
N GLU B 843 9.47 25.82 34.21
CA GLU B 843 9.70 25.44 32.82
C GLU B 843 9.40 23.94 32.66
N ASP B 844 8.97 23.54 31.48
CA ASP B 844 9.25 22.19 31.03
C ASP B 844 10.76 22.12 30.88
N ALA B 845 11.50 21.57 31.85
CA ALA B 845 12.96 21.60 31.82
C ALA B 845 13.57 20.84 30.62
N GLN B 846 12.77 20.08 29.89
CA GLN B 846 13.19 19.36 28.68
C GLN B 846 12.96 20.19 27.38
N THR B 847 12.38 21.39 27.48
CA THR B 847 12.30 22.40 26.40
C THR B 847 12.68 23.83 26.84
N GLU B 848 12.67 24.10 28.15
CA GLU B 848 13.21 25.27 28.84
C GLU B 848 12.61 26.63 28.46
N THR B 849 11.42 26.65 27.87
CA THR B 849 10.64 27.88 27.69
C THR B 849 10.10 28.39 29.04
N GLY B 850 9.57 29.61 29.07
CA GLY B 850 8.77 30.12 30.19
C GLY B 850 7.41 29.41 30.28
N TYR B 851 7.47 28.11 30.49
CA TYR B 851 6.45 27.15 30.05
C TYR B 851 5.14 27.26 30.83
N GLN B 852 5.22 27.23 32.16
CA GLN B 852 4.08 27.37 33.07
C GLN B 852 4.50 28.16 34.29
N LYS B 853 3.56 28.88 34.92
CA LYS B 853 3.82 29.64 36.15
C LYS B 853 2.60 29.77 37.06
N TYR B 854 2.81 29.81 38.37
CA TYR B 854 1.77 30.03 39.39
C TYR B 854 2.18 31.18 40.35
N PRO B 855 1.23 31.88 41.01
CA PRO B 855 1.45 33.25 41.49
C PRO B 855 2.37 33.37 42.72
N VAL B 856 3.26 34.36 42.66
CA VAL B 856 4.23 34.74 43.70
C VAL B 856 4.17 36.25 43.93
N ILE B 857 4.26 36.71 45.18
CA ILE B 857 4.80 38.04 45.50
C ILE B 857 5.73 37.89 46.71
N ILE B 858 6.92 38.49 46.67
CA ILE B 858 7.92 38.45 47.75
C ILE B 858 8.47 39.86 48.02
N ASP B 859 8.69 40.18 49.29
CA ASP B 859 9.26 41.43 49.80
C ASP B 859 9.78 41.13 51.22
N LEU B 860 11.00 40.58 51.32
CA LEU B 860 11.40 39.74 52.45
C LEU B 860 11.42 40.47 53.81
N ALA B 861 10.71 39.89 54.78
CA ALA B 861 10.99 40.04 56.20
C ALA B 861 12.18 39.13 56.55
N PHE B 862 13.41 39.66 56.45
CA PHE B 862 14.64 38.86 56.49
C PHE B 862 14.82 38.04 57.78
N GLN B 863 15.68 37.01 57.72
CA GLN B 863 15.79 35.90 58.67
C GLN B 863 15.75 36.28 60.16
N ASP B 864 16.40 37.38 60.54
CA ASP B 864 16.49 37.87 61.92
C ASP B 864 15.13 38.26 62.54
N ASP B 865 14.11 38.55 61.71
CA ASP B 865 12.74 38.84 62.16
C ASP B 865 12.03 37.62 62.77
N PHE B 866 12.51 36.40 62.49
CA PHE B 866 11.97 35.15 63.01
C PHE B 866 12.85 34.49 64.10
N PHE B 867 14.16 34.77 64.11
CA PHE B 867 15.17 34.07 64.92
C PHE B 867 16.17 35.00 65.60
#